data_7BI4
#
_entry.id   7BI4
#
_cell.length_a   135.193
_cell.length_b   151.570
_cell.length_c   56.044
_cell.angle_alpha   90.000
_cell.angle_beta   90.000
_cell.angle_gamma   90.000
#
_symmetry.space_group_name_H-M   'P 21 21 21'
#
loop_
_entity.id
_entity.type
_entity.pdbx_description
1 polymer 'Phosphatidylinositol 4-phosphate 3-kinase C2 domain-containing subunit alpha,Phosphatidylinositol 4-phosphate 3-kinase C2 domain-containing subunit alpha'
2 non-polymer 1,2-ETHANEDIOL
3 non-polymer 'SULFATE ION'
4 water water
#
_entity_poly.entity_id   1
_entity_poly.type   'polypeptide(L)'
_entity_poly.pdbx_seq_one_letter_code
;GAVQNDEVAAFCQSIMKLKTKFPYTDHCTNPGYLLSPVTVQRNMCGENASVKVSIEIEGLQLPVTFTCDVSSTVEIIIMQ
ALCWVHDDLNQVDVGSYILKVCGQEEVLQNNHCLGSHEHIQNCRKWDTEIKLQLLTLSAMCQNLARTAEDDEAPVDLNGS
GSVMTRHSAGAGSGASTGCPRGSRNIKEAWTATEQLQFTVYAAHGISSNWVSNYEKYYLICSLSHNGKDLFKPIQSKKVG
TYKNAAYLIKWDELIIFPIQISQLPLESVLHLTLFGVLNQSSGSSPDSNKQRKGPEALGKVSLTLFDFKRFLTCGTKLAY
LWTSSHTNSIPGAIPKKSYVMERIVLQVDFPSPAFDIIYTSPQIDRNIIQQDKLETLESDIKGKLLDIIHRDSSFGLSKE
DKVFLWENRYYCLKHPNCLPKILASAPNWKWANLAKTYSLLHQWPPLCPLAALELLDAKFADQEVRSLAVSWMEAISDDE
LADLLPQFVQALKYEIYLNSSLVRFLLSRALGNIQIAHSLYWLLKDALHDTHFGSRYEHVLGALLSVGGKGLREELSKQM
KLVQLLGGVAEKVRQASGSTRQVVLQKSMERVQSFFLRNKCRLPLKPSLVAKELNIKSCSFFSSNAMPLKVTMVNADPLG
EEINVMFKVGEDLRQDMLALQMIKIMDKIWLKEGLDLRMVIFRCLSTGRDRGMVELVPASDTLRKIQVEYGVTGSFKDKP
LAEWLRKYNPSEEEYEKASENFIYSCAGCCVATYVLGICDRHNDNIMLRSTGHMFHIDFGKFLGHAQMFGSFKRDRAPFV
LTSDMAYVINGGEKPTIRFQLFVDLCCQAYNLIRKQTNLFLNLLSLMIPSGLPELTSIQDLKYVRDALQPQTTDAEATIF
FTRLIESSLGSIATKFNFFIHNLAQLRFSG
;
_entity_poly.pdbx_strand_id   A
#
loop_
_chem_comp.id
_chem_comp.type
_chem_comp.name
_chem_comp.formula
EDO non-polymer 1,2-ETHANEDIOL 'C2 H6 O2'
SO4 non-polymer 'SULFATE ION' 'O4 S -2'
#
# COMPACT_ATOMS: atom_id res chain seq x y z
N GLN A 4 6.32 -23.47 17.54
CA GLN A 4 6.75 -22.73 16.35
C GLN A 4 7.22 -23.69 15.25
N ASN A 5 8.12 -24.61 15.59
CA ASN A 5 8.63 -25.55 14.60
C ASN A 5 7.50 -26.35 13.98
N ASP A 6 6.53 -26.72 14.79
CA ASP A 6 5.44 -27.54 14.32
C ASP A 6 4.41 -26.70 13.56
N GLU A 7 4.25 -25.43 13.94
CA GLU A 7 3.46 -24.50 13.13
C GLU A 7 4.13 -24.23 11.80
N VAL A 8 5.46 -24.06 11.78
CA VAL A 8 6.18 -23.85 10.53
C VAL A 8 6.06 -25.07 9.62
N ALA A 9 6.12 -26.27 10.20
CA ALA A 9 6.02 -27.49 9.41
C ALA A 9 4.64 -27.63 8.79
N ALA A 10 3.58 -27.35 9.57
CA ALA A 10 2.22 -27.40 9.03
C ALA A 10 2.03 -26.35 7.95
N PHE A 11 2.57 -25.14 8.17
CA PHE A 11 2.56 -24.09 7.16
C PHE A 11 3.17 -24.58 5.86
N CYS A 12 4.36 -25.17 5.93
CA CYS A 12 5.05 -25.65 4.73
C CYS A 12 4.24 -26.72 4.00
N GLN A 13 3.62 -27.63 4.77
CA GLN A 13 2.74 -28.61 4.15
C GLN A 13 1.62 -27.93 3.37
N SER A 14 0.91 -27.00 4.02
CA SER A 14 -0.15 -26.25 3.34
C SER A 14 0.37 -25.52 2.11
N ILE A 15 1.62 -25.06 2.14
CA ILE A 15 2.10 -24.23 1.03
C ILE A 15 2.46 -25.09 -0.17
N MET A 16 2.92 -26.31 0.08
CA MET A 16 3.07 -27.25 -1.02
C MET A 16 1.72 -27.59 -1.63
N LYS A 17 0.71 -27.77 -0.76
CA LYS A 17 -0.64 -28.01 -1.23
C LYS A 17 -1.12 -26.86 -2.10
N LEU A 18 -0.74 -25.63 -1.75
CA LEU A 18 -1.08 -24.48 -2.58
C LEU A 18 -0.33 -24.50 -3.91
N LYS A 19 0.94 -24.92 -3.86
CA LYS A 19 1.74 -25.03 -5.08
C LYS A 19 1.10 -25.96 -6.09
N THR A 20 0.54 -27.09 -5.63
CA THR A 20 0.01 -28.09 -6.56
C THR A 20 -1.02 -27.50 -7.49
N LYS A 21 -1.47 -26.33 -7.16
CA LYS A 21 -2.58 -25.75 -7.86
C LYS A 21 -2.16 -24.76 -8.91
N PHE A 22 -0.85 -24.62 -9.08
CA PHE A 22 -0.21 -23.71 -10.03
C PHE A 22 0.91 -24.47 -10.74
N PRO A 23 0.55 -25.41 -11.62
CA PRO A 23 1.58 -26.14 -12.37
C PRO A 23 2.29 -25.24 -13.37
N TYR A 24 3.58 -25.52 -13.58
CA TYR A 24 4.38 -24.71 -14.48
C TYR A 24 3.88 -24.74 -15.92
N THR A 25 3.02 -25.72 -16.25
CA THR A 25 2.53 -25.82 -17.62
C THR A 25 1.47 -24.77 -17.94
N ASP A 26 0.67 -24.37 -16.95
CA ASP A 26 -0.40 -23.41 -17.18
C ASP A 26 0.18 -22.02 -17.43
N HIS A 27 0.04 -21.54 -18.68
CA HIS A 27 0.60 -20.24 -19.04
C HIS A 27 -0.13 -19.10 -18.36
N CYS A 28 -1.45 -19.24 -18.17
CA CYS A 28 -2.24 -18.14 -17.61
C CYS A 28 -1.71 -17.72 -16.24
N THR A 29 -1.39 -18.67 -15.37
CA THR A 29 -0.87 -18.35 -14.05
C THR A 29 0.65 -18.45 -13.96
N ASN A 30 1.33 -18.89 -15.02
CA ASN A 30 2.79 -18.92 -15.06
C ASN A 30 3.29 -18.32 -16.37
N PRO A 31 3.02 -17.04 -16.61
CA PRO A 31 3.35 -16.47 -17.93
C PRO A 31 4.84 -16.27 -18.15
N GLY A 32 5.62 -16.08 -17.08
CA GLY A 32 7.01 -15.73 -17.23
C GLY A 32 7.28 -14.29 -17.64
N TYR A 33 6.24 -13.47 -17.80
CA TYR A 33 6.43 -12.06 -18.09
C TYR A 33 5.47 -11.23 -17.26
N LEU A 34 5.81 -9.96 -17.12
CA LEU A 34 4.94 -9.01 -16.45
C LEU A 34 3.76 -8.64 -17.35
N LEU A 35 2.61 -8.43 -16.74
CA LEU A 35 1.46 -7.90 -17.44
C LEU A 35 1.46 -6.38 -17.30
N SER A 36 1.14 -5.71 -18.41
CA SER A 36 1.10 -4.25 -18.39
C SER A 36 -0.10 -3.79 -17.56
N PRO A 37 0.10 -2.94 -16.55
CA PRO A 37 -1.00 -2.62 -15.62
C PRO A 37 -2.14 -1.86 -16.28
N VAL A 38 -3.36 -2.13 -15.79
CA VAL A 38 -4.57 -1.52 -16.32
C VAL A 38 -5.43 -1.00 -15.18
N THR A 39 -6.13 0.11 -15.43
CA THR A 39 -7.07 0.70 -14.49
C THR A 39 -8.32 1.05 -15.30
N VAL A 40 -9.37 0.24 -15.19
CA VAL A 40 -10.52 0.38 -16.08
C VAL A 40 -11.14 1.77 -15.93
N GLN A 41 -11.37 2.42 -17.06
CA GLN A 41 -11.86 3.78 -17.17
C GLN A 41 -13.21 3.75 -17.87
N ARG A 42 -14.18 4.54 -17.41
CA ARG A 42 -15.50 4.43 -18.05
C ARG A 42 -15.50 5.18 -19.37
N ASN A 43 -16.66 5.13 -20.03
CA ASN A 43 -16.87 5.67 -21.38
C ASN A 43 -15.97 5.00 -22.42
N MET A 44 -15.43 3.82 -22.10
CA MET A 44 -14.78 2.97 -23.10
C MET A 44 -15.85 2.21 -23.88
N ALA A 49 -13.14 8.41 -28.70
CA ALA A 49 -11.79 8.94 -28.69
C ALA A 49 -10.81 7.98 -29.34
N SER A 50 -9.83 8.53 -30.05
CA SER A 50 -8.88 7.74 -30.82
C SER A 50 -7.46 8.20 -30.51
N VAL A 51 -6.51 7.29 -30.77
CA VAL A 51 -5.09 7.59 -30.61
C VAL A 51 -4.32 6.92 -31.73
N LYS A 52 -3.09 7.39 -31.95
CA LYS A 52 -2.20 6.78 -32.93
C LYS A 52 -1.28 5.79 -32.22
N VAL A 53 -1.17 4.58 -32.76
CA VAL A 53 -0.22 3.60 -32.26
C VAL A 53 0.68 3.16 -33.40
N SER A 54 1.95 2.93 -33.09
CA SER A 54 2.92 2.37 -34.02
C SER A 54 3.34 1.00 -33.51
N ILE A 55 3.28 0.01 -34.38
CA ILE A 55 3.48 -1.39 -34.03
C ILE A 55 4.59 -1.93 -34.90
N GLU A 56 5.68 -2.36 -34.28
CA GLU A 56 6.73 -3.08 -34.98
C GLU A 56 6.23 -4.47 -35.34
N ILE A 57 6.60 -4.93 -36.53
CA ILE A 57 6.16 -6.22 -37.03
C ILE A 57 7.35 -6.91 -37.67
N GLU A 58 7.47 -8.22 -37.43
CA GLU A 58 8.59 -8.98 -37.98
C GLU A 58 8.54 -8.98 -39.51
N GLY A 59 9.67 -8.63 -40.12
CA GLY A 59 9.80 -8.58 -41.56
C GLY A 59 9.64 -7.19 -42.15
N LEU A 60 8.92 -6.31 -41.47
CA LEU A 60 8.70 -4.95 -41.95
C LEU A 60 9.78 -4.02 -41.40
N GLN A 61 10.38 -3.24 -42.30
CA GLN A 61 11.44 -2.34 -41.89
C GLN A 61 10.91 -1.10 -41.20
N LEU A 62 9.68 -0.70 -41.52
CA LEU A 62 9.02 0.38 -40.81
C LEU A 62 7.87 -0.17 -39.97
N PRO A 63 7.63 0.38 -38.79
CA PRO A 63 6.45 -0.04 -38.03
C PRO A 63 5.19 0.51 -38.67
N VAL A 64 4.08 -0.21 -38.50
CA VAL A 64 2.81 0.27 -39.02
C VAL A 64 2.23 1.25 -38.01
N THR A 65 1.78 2.40 -38.49
CA THR A 65 1.22 3.43 -37.64
C THR A 65 -0.22 3.68 -38.06
N PHE A 66 -1.15 3.63 -37.10
CA PHE A 66 -2.55 3.78 -37.45
C PHE A 66 -3.36 4.20 -36.24
N THR A 67 -4.57 4.68 -36.51
CA THR A 67 -5.46 5.20 -35.47
C THR A 67 -6.32 4.07 -34.92
N CYS A 68 -6.34 3.96 -33.60
CA CYS A 68 -7.14 2.99 -32.88
C CYS A 68 -8.18 3.69 -32.03
N ASP A 69 -9.34 3.07 -31.92
CA ASP A 69 -10.32 3.49 -30.94
C ASP A 69 -9.81 3.12 -29.54
N VAL A 70 -9.68 4.13 -28.67
CA VAL A 70 -9.31 3.91 -27.28
C VAL A 70 -10.11 2.81 -26.62
N SER A 71 -11.37 2.65 -26.99
CA SER A 71 -12.23 1.65 -26.34
C SER A 71 -12.06 0.24 -26.89
N SER A 72 -11.30 0.06 -27.97
CA SER A 72 -11.07 -1.26 -28.52
C SER A 72 -10.24 -2.11 -27.57
N THR A 73 -10.52 -3.42 -27.56
CA THR A 73 -9.70 -4.32 -26.77
C THR A 73 -8.39 -4.61 -27.49
N VAL A 74 -7.37 -4.95 -26.69
CA VAL A 74 -6.06 -5.29 -27.23
C VAL A 74 -6.16 -6.41 -28.25
N GLU A 75 -7.14 -7.29 -28.10
CA GLU A 75 -7.29 -8.42 -29.02
C GLU A 75 -7.58 -7.93 -30.44
N ILE A 76 -8.58 -7.07 -30.59
CA ILE A 76 -8.92 -6.62 -31.94
C ILE A 76 -7.83 -5.70 -32.48
N ILE A 77 -7.08 -5.02 -31.60
CA ILE A 77 -5.98 -4.19 -32.08
C ILE A 77 -4.87 -5.06 -32.66
N ILE A 78 -4.58 -6.17 -32.00
CA ILE A 78 -3.69 -7.16 -32.60
C ILE A 78 -4.21 -7.55 -33.97
N MET A 79 -5.52 -7.75 -34.11
CA MET A 79 -5.98 -8.24 -35.40
C MET A 79 -5.88 -7.16 -36.47
N GLN A 80 -6.15 -5.90 -36.09
CA GLN A 80 -6.00 -4.78 -37.02
C GLN A 80 -4.56 -4.71 -37.54
N ALA A 81 -3.59 -4.83 -36.62
CA ALA A 81 -2.20 -4.82 -37.03
C ALA A 81 -1.89 -6.00 -37.96
N LEU A 82 -2.47 -7.18 -37.68
CA LEU A 82 -2.29 -8.33 -38.55
C LEU A 82 -2.92 -8.10 -39.92
N CYS A 83 -4.02 -7.34 -39.96
CA CYS A 83 -4.70 -7.05 -41.22
C CYS A 83 -3.86 -6.13 -42.09
N TRP A 84 -3.08 -5.24 -41.48
CA TRP A 84 -2.18 -4.41 -42.29
C TRP A 84 -1.19 -5.23 -43.09
N VAL A 85 -0.81 -6.43 -42.61
CA VAL A 85 0.23 -7.20 -43.25
C VAL A 85 -0.31 -8.40 -44.02
N HIS A 86 -1.47 -8.96 -43.63
CA HIS A 86 -2.07 -10.08 -44.34
C HIS A 86 -3.43 -9.68 -44.90
N ASP A 87 -3.76 -10.20 -46.08
CA ASP A 87 -5.03 -9.88 -46.70
C ASP A 87 -6.16 -10.68 -46.12
N ASP A 88 -5.88 -11.88 -45.60
CA ASP A 88 -6.91 -12.64 -44.93
C ASP A 88 -6.27 -13.45 -43.80
N LEU A 89 -6.98 -13.51 -42.67
CA LEU A 89 -6.52 -14.19 -41.47
C LEU A 89 -6.98 -15.64 -41.39
N ASN A 90 -7.29 -16.29 -42.51
CA ASN A 90 -7.73 -17.69 -42.47
C ASN A 90 -6.64 -18.59 -41.93
N GLN A 91 -5.42 -18.44 -42.44
CA GLN A 91 -4.30 -19.26 -42.03
C GLN A 91 -3.21 -18.40 -41.39
N VAL A 92 -3.62 -17.43 -40.58
CA VAL A 92 -2.73 -16.71 -39.68
C VAL A 92 -3.10 -17.10 -38.25
N ASP A 93 -2.11 -17.58 -37.51
CA ASP A 93 -2.33 -18.05 -36.13
C ASP A 93 -2.58 -16.84 -35.23
N VAL A 94 -3.84 -16.40 -35.21
CA VAL A 94 -4.19 -15.15 -34.54
C VAL A 94 -3.97 -15.27 -33.03
N GLY A 95 -4.40 -16.39 -32.44
CA GLY A 95 -4.26 -16.57 -31.01
C GLY A 95 -2.83 -16.68 -30.52
N SER A 96 -1.87 -16.82 -31.42
CA SER A 96 -0.47 -16.94 -31.03
C SER A 96 0.20 -15.60 -30.80
N TYR A 97 -0.51 -14.48 -30.94
CA TYR A 97 0.09 -13.16 -30.98
C TYR A 97 -0.21 -12.35 -29.73
N ILE A 98 0.78 -11.56 -29.30
CA ILE A 98 0.69 -10.62 -28.19
C ILE A 98 1.30 -9.30 -28.61
N LEU A 99 0.89 -8.26 -27.88
CA LEU A 99 1.44 -6.92 -28.00
C LEU A 99 2.22 -6.58 -26.74
N LYS A 100 3.41 -6.02 -26.92
CA LYS A 100 4.21 -5.57 -25.79
C LYS A 100 4.64 -4.12 -26.01
N VAL A 101 5.01 -3.47 -24.92
CA VAL A 101 5.52 -2.11 -25.00
C VAL A 101 6.95 -2.15 -25.50
N CYS A 102 7.29 -1.27 -26.44
CA CYS A 102 8.67 -1.23 -26.92
C CYS A 102 9.59 -0.85 -25.78
N GLY A 103 10.67 -1.61 -25.63
CA GLY A 103 11.65 -1.37 -24.59
C GLY A 103 11.27 -1.82 -23.20
N GLN A 104 10.08 -2.39 -23.02
CA GLN A 104 9.63 -2.86 -21.71
C GLN A 104 9.11 -4.29 -21.85
N GLU A 105 9.63 -5.19 -21.01
CA GLU A 105 9.18 -6.57 -20.99
C GLU A 105 7.89 -6.70 -20.18
N GLU A 106 6.85 -6.02 -20.66
CA GLU A 106 5.48 -6.21 -20.18
C GLU A 106 4.56 -6.37 -21.39
N VAL A 107 3.54 -7.20 -21.21
CA VAL A 107 2.65 -7.60 -22.30
C VAL A 107 1.27 -7.01 -22.05
N LEU A 108 0.72 -6.34 -23.06
CA LEU A 108 -0.63 -5.81 -22.96
C LEU A 108 -1.64 -6.95 -22.78
N GLN A 109 -2.74 -6.64 -22.11
CA GLN A 109 -3.73 -7.65 -21.74
C GLN A 109 -4.83 -7.68 -22.80
N ASN A 110 -5.03 -8.85 -23.41
CA ASN A 110 -5.83 -8.96 -24.62
C ASN A 110 -7.27 -8.51 -24.40
N ASN A 111 -7.88 -8.94 -23.30
CA ASN A 111 -9.31 -8.69 -23.12
CA ASN A 111 -9.30 -8.71 -23.04
C ASN A 111 -9.60 -7.33 -22.48
N HIS A 112 -8.61 -6.45 -22.39
CA HIS A 112 -8.81 -5.12 -21.82
C HIS A 112 -8.74 -4.06 -22.90
N CYS A 113 -9.41 -2.93 -22.66
CA CYS A 113 -9.37 -1.82 -23.60
C CYS A 113 -7.96 -1.26 -23.69
N LEU A 114 -7.58 -0.86 -24.91
CA LEU A 114 -6.31 -0.15 -25.07
C LEU A 114 -6.24 1.05 -24.13
N GLY A 115 -7.36 1.74 -23.96
CA GLY A 115 -7.39 2.91 -23.09
C GLY A 115 -7.26 2.59 -21.62
N SER A 116 -7.56 1.34 -21.22
CA SER A 116 -7.45 0.97 -19.81
C SER A 116 -6.00 0.82 -19.36
N HIS A 117 -5.05 0.63 -20.28
CA HIS A 117 -3.68 0.37 -19.91
C HIS A 117 -2.97 1.66 -19.46
N GLU A 118 -2.21 1.55 -18.36
CA GLU A 118 -1.54 2.72 -17.78
C GLU A 118 -0.55 3.34 -18.77
N HIS A 119 0.20 2.52 -19.50
CA HIS A 119 1.16 3.05 -20.46
C HIS A 119 0.47 3.92 -21.50
N ILE A 120 -0.67 3.44 -22.02
CA ILE A 120 -1.46 4.22 -22.97
C ILE A 120 -1.88 5.55 -22.36
N GLN A 121 -2.38 5.50 -21.12
CA GLN A 121 -2.97 6.68 -20.50
C GLN A 121 -1.89 7.74 -20.23
N ASN A 122 -0.71 7.30 -19.79
CA ASN A 122 0.40 8.23 -19.61
C ASN A 122 0.86 8.82 -20.93
N CYS A 123 1.01 7.98 -21.97
CA CYS A 123 1.37 8.49 -23.30
C CYS A 123 0.40 9.57 -23.75
N ARG A 124 -0.89 9.38 -23.50
CA ARG A 124 -1.87 10.37 -23.93
C ARG A 124 -1.75 11.67 -23.14
N LYS A 125 -1.51 11.59 -21.83
CA LYS A 125 -1.36 12.80 -21.02
C LYS A 125 -0.15 13.62 -21.49
N TRP A 126 0.99 12.93 -21.60
CA TRP A 126 2.28 13.24 -22.20
C TRP A 126 2.23 13.68 -23.67
N ASP A 127 1.25 13.22 -24.43
CA ASP A 127 1.27 13.23 -25.90
C ASP A 127 2.65 12.80 -26.41
N THR A 128 3.00 11.56 -26.07
CA THR A 128 4.18 10.91 -26.60
C THR A 128 3.76 9.69 -27.42
N GLU A 129 4.67 9.27 -28.29
CA GLU A 129 4.38 8.18 -29.22
C GLU A 129 4.08 6.89 -28.47
N ILE A 130 2.92 6.30 -28.77
CA ILE A 130 2.61 4.95 -28.34
C ILE A 130 3.37 4.00 -29.25
N LYS A 131 4.38 3.32 -28.70
CA LYS A 131 5.28 2.47 -29.48
C LYS A 131 5.16 1.04 -28.96
N LEU A 132 4.40 0.21 -29.66
CA LEU A 132 4.23 -1.18 -29.29
C LEU A 132 5.02 -2.08 -30.24
N GLN A 133 4.97 -3.38 -29.95
CA GLN A 133 5.62 -4.40 -30.78
C GLN A 133 4.72 -5.62 -30.79
N LEU A 134 4.48 -6.15 -31.99
CA LEU A 134 3.70 -7.35 -32.18
C LEU A 134 4.65 -8.55 -32.28
N LEU A 135 4.36 -9.60 -31.51
CA LEU A 135 5.18 -10.80 -31.58
C LEU A 135 4.34 -11.98 -31.14
N THR A 136 4.92 -13.17 -31.19
CA THR A 136 4.28 -14.38 -30.70
C THR A 136 4.85 -14.73 -29.32
N LEU A 137 4.06 -15.48 -28.55
CA LEU A 137 4.51 -15.94 -27.24
C LEU A 137 5.89 -16.58 -27.32
N SER A 138 6.21 -17.21 -28.44
CA SER A 138 7.50 -17.89 -28.59
C SER A 138 8.66 -16.91 -28.49
N ALA A 139 8.51 -15.71 -29.05
CA ALA A 139 9.58 -14.74 -29.05
C ALA A 139 9.62 -13.90 -27.77
N MET A 140 8.58 -13.95 -26.95
CA MET A 140 8.56 -13.15 -25.73
C MET A 140 9.48 -13.77 -24.68
N CYS A 141 10.24 -12.91 -24.01
CA CYS A 141 11.10 -13.34 -22.90
C CYS A 141 10.26 -13.90 -21.77
N GLN A 142 10.53 -15.14 -21.39
CA GLN A 142 9.81 -15.81 -20.32
C GLN A 142 10.80 -16.38 -19.31
N ASN A 143 11.88 -15.64 -19.04
CA ASN A 143 12.95 -16.15 -18.19
C ASN A 143 12.48 -16.33 -16.74
N LEU A 144 11.53 -15.50 -16.30
CA LEU A 144 11.05 -15.57 -14.92
C LEU A 144 10.13 -16.74 -14.66
N ALA A 145 9.74 -17.49 -15.70
CA ALA A 145 8.74 -18.54 -15.54
C ALA A 145 9.27 -19.68 -14.67
N ARG A 146 8.35 -20.32 -13.94
CA ARG A 146 8.72 -21.43 -13.07
C ARG A 146 8.98 -22.69 -13.90
N THR A 147 10.02 -23.45 -13.51
CA THR A 147 10.36 -24.71 -14.15
C THR A 147 9.64 -25.86 -13.45
N ALA A 148 9.69 -27.05 -14.07
CA ALA A 148 9.14 -28.25 -13.45
C ALA A 148 9.91 -28.60 -12.17
N GLU A 149 11.25 -28.50 -12.23
CA GLU A 149 12.10 -28.53 -11.04
C GLU A 149 11.52 -27.76 -9.88
N ASP A 150 11.14 -26.50 -10.12
CA ASP A 150 10.59 -25.65 -9.06
C ASP A 150 9.31 -26.22 -8.49
N ASP A 151 8.44 -26.73 -9.36
CA ASP A 151 7.17 -27.29 -8.90
C ASP A 151 7.40 -28.46 -7.97
N GLU A 152 8.38 -29.28 -8.30
CA GLU A 152 8.55 -30.52 -7.57
C GLU A 152 9.55 -30.37 -6.44
N ALA A 153 10.11 -29.18 -6.25
CA ALA A 153 11.01 -28.87 -5.17
C ALA A 153 10.27 -28.70 -3.85
N PRO A 154 10.86 -29.08 -2.72
CA PRO A 154 10.20 -28.84 -1.42
C PRO A 154 10.30 -27.38 -1.02
N VAL A 155 9.35 -26.93 -0.20
CA VAL A 155 9.40 -25.56 0.29
C VAL A 155 10.25 -25.52 1.55
N ASP A 156 11.29 -24.66 1.58
CA ASP A 156 11.92 -24.30 2.85
C ASP A 156 11.78 -22.80 3.08
N LEU A 157 11.64 -22.41 4.33
CA LEU A 157 11.50 -21.00 4.64
C LEU A 157 12.87 -20.36 4.91
N ARG A 184 -2.84 -36.86 28.49
CA ARG A 184 -3.33 -37.19 27.16
C ARG A 184 -4.81 -36.86 27.02
N ASN A 185 -5.51 -36.78 28.15
CA ASN A 185 -6.92 -36.44 28.15
C ASN A 185 -7.11 -35.03 27.59
N ILE A 186 -8.33 -34.77 27.11
CA ILE A 186 -8.69 -33.49 26.51
C ILE A 186 -9.91 -32.93 27.22
N LYS A 187 -9.82 -31.67 27.62
CA LYS A 187 -10.91 -30.91 28.22
C LYS A 187 -11.27 -29.78 27.28
N GLU A 188 -12.55 -29.71 26.91
CA GLU A 188 -13.00 -28.60 26.08
C GLU A 188 -12.96 -27.32 26.89
N ALA A 189 -12.60 -26.22 26.23
CA ALA A 189 -12.29 -24.99 26.95
C ALA A 189 -13.52 -24.41 27.62
N TRP A 190 -14.70 -24.57 27.02
CA TRP A 190 -15.91 -24.01 27.61
C TRP A 190 -16.26 -24.67 28.93
N THR A 191 -15.72 -25.86 29.21
CA THR A 191 -15.92 -26.54 30.49
C THR A 191 -14.81 -26.25 31.48
N ALA A 192 -13.88 -25.36 31.16
CA ALA A 192 -12.71 -25.12 31.98
C ALA A 192 -12.95 -23.93 32.87
N THR A 193 -13.02 -24.17 34.18
CA THR A 193 -13.27 -23.10 35.13
C THR A 193 -12.02 -22.44 35.70
N GLU A 194 -10.80 -22.76 35.20
CA GLU A 194 -9.66 -22.30 35.98
C GLU A 194 -9.39 -20.85 35.59
N GLN A 195 -9.03 -20.03 36.59
CA GLN A 195 -8.61 -18.65 36.26
C GLN A 195 -7.42 -18.68 35.33
N LEU A 196 -7.36 -17.69 34.47
CA LEU A 196 -6.14 -17.46 33.73
C LEU A 196 -5.05 -16.96 34.70
N GLN A 197 -3.94 -17.67 34.80
CA GLN A 197 -2.83 -17.29 35.67
C GLN A 197 -1.54 -17.75 35.04
N PHE A 198 -0.46 -17.04 35.34
CA PHE A 198 0.85 -17.37 34.81
C PHE A 198 1.90 -16.80 35.74
N THR A 199 3.08 -17.39 35.72
CA THR A 199 4.18 -16.94 36.56
C THR A 199 5.23 -16.28 35.68
N VAL A 200 5.36 -14.96 35.80
CA VAL A 200 6.49 -14.29 35.16
C VAL A 200 7.74 -14.64 35.97
N TYR A 201 8.62 -15.45 35.38
CA TYR A 201 9.71 -16.01 36.15
C TYR A 201 10.96 -15.13 36.09
N ALA A 202 11.49 -14.91 34.89
CA ALA A 202 12.77 -14.22 34.78
C ALA A 202 12.99 -13.75 33.35
N ALA A 203 13.93 -12.82 33.22
CA ALA A 203 14.47 -12.33 31.95
C ALA A 203 15.98 -12.59 31.95
N HIS A 204 16.48 -13.17 30.86
CA HIS A 204 17.86 -13.60 30.75
C HIS A 204 18.54 -12.89 29.58
N GLY A 205 19.75 -12.41 29.81
CA GLY A 205 20.54 -11.75 28.78
C GLY A 205 20.77 -10.27 28.96
N ILE A 206 20.53 -9.72 30.15
CA ILE A 206 20.55 -8.27 30.36
C ILE A 206 21.92 -7.69 30.02
N SER A 207 21.92 -6.53 29.35
CA SER A 207 23.19 -5.91 28.89
C SER A 207 23.87 -5.10 29.99
N SER A 208 25.16 -4.80 29.81
CA SER A 208 25.92 -3.98 30.77
C SER A 208 25.34 -2.56 30.82
N ASN A 209 24.91 -2.05 29.67
CA ASN A 209 24.37 -0.66 29.62
C ASN A 209 23.15 -0.59 30.53
N TRP A 210 22.30 -1.62 30.46
CA TRP A 210 21.07 -1.64 31.31
C TRP A 210 21.46 -1.66 32.78
N VAL A 211 22.47 -2.45 33.13
CA VAL A 211 22.86 -2.60 34.57
C VAL A 211 23.31 -1.24 35.10
N SER A 212 24.08 -0.50 34.31
CA SER A 212 24.57 0.84 34.72
C SER A 212 23.44 1.85 34.84
N ASN A 213 22.46 1.82 33.93
CA ASN A 213 21.43 2.90 33.91
C ASN A 213 20.18 2.61 34.74
N TYR A 214 19.82 1.34 34.97
CA TYR A 214 18.54 1.07 35.61
C TYR A 214 18.75 0.37 36.96
N GLU A 215 18.00 0.78 38.00
CA GLU A 215 18.05 0.01 39.24
C GLU A 215 17.23 -1.27 39.04
N LYS A 216 15.94 -1.06 38.83
CA LYS A 216 14.93 -2.11 38.92
C LYS A 216 14.11 -2.15 37.64
N TYR A 217 13.34 -3.22 37.56
CA TYR A 217 12.61 -3.55 36.36
C TYR A 217 11.25 -4.11 36.75
N TYR A 218 10.26 -3.88 35.89
CA TYR A 218 8.94 -4.46 36.10
C TYR A 218 8.26 -4.69 34.75
N LEU A 219 7.34 -5.64 34.74
CA LEU A 219 6.54 -5.95 33.57
C LEU A 219 5.11 -5.47 33.77
N ILE A 220 4.52 -4.94 32.71
CA ILE A 220 3.10 -4.63 32.68
C ILE A 220 2.43 -5.66 31.78
N CYS A 221 1.45 -6.37 32.34
CA CYS A 221 0.82 -7.50 31.68
C CYS A 221 -0.58 -7.10 31.26
N SER A 222 -0.87 -7.20 29.96
CA SER A 222 -2.20 -6.90 29.45
C SER A 222 -2.72 -8.04 28.62
N LEU A 223 -4.04 -8.15 28.58
CA LEU A 223 -4.77 -9.23 27.94
C LEU A 223 -5.73 -8.62 26.93
N SER A 224 -5.57 -8.94 25.65
CA SER A 224 -6.30 -8.23 24.61
C SER A 224 -6.96 -9.20 23.63
N HIS A 225 -8.05 -8.73 23.05
CA HIS A 225 -8.73 -9.39 21.94
C HIS A 225 -9.33 -8.31 21.06
N ASN A 226 -9.33 -8.55 19.74
CA ASN A 226 -9.78 -7.56 18.77
C ASN A 226 -9.03 -6.24 18.92
N GLY A 227 -7.75 -6.32 19.28
CA GLY A 227 -6.95 -5.13 19.49
C GLY A 227 -7.33 -4.27 20.67
N LYS A 228 -8.16 -4.78 21.59
CA LYS A 228 -8.65 -4.02 22.73
C LYS A 228 -8.39 -4.80 24.02
N ASP A 229 -8.05 -4.07 25.09
CA ASP A 229 -7.80 -4.71 26.37
C ASP A 229 -9.09 -5.30 26.95
N LEU A 230 -9.01 -6.55 27.38
CA LEU A 230 -10.15 -7.17 28.04
C LEU A 230 -10.31 -6.67 29.47
N PHE A 231 -9.22 -6.30 30.12
CA PHE A 231 -9.25 -5.79 31.49
C PHE A 231 -8.12 -4.81 31.68
N LYS A 232 -8.16 -4.11 32.81
CA LYS A 232 -7.05 -3.29 33.25
C LYS A 232 -5.75 -4.10 33.21
N PRO A 233 -4.66 -3.55 32.70
CA PRO A 233 -3.39 -4.28 32.76
C PRO A 233 -2.90 -4.41 34.19
N ILE A 234 -2.09 -5.45 34.41
CA ILE A 234 -1.57 -5.77 35.74
C ILE A 234 -0.05 -5.62 35.72
N GLN A 235 0.48 -4.92 36.72
CA GLN A 235 1.90 -4.61 36.80
C GLN A 235 2.57 -5.53 37.83
N SER A 236 3.78 -5.96 37.51
CA SER A 236 4.54 -6.82 38.41
C SER A 236 5.26 -5.99 39.46
N LYS A 237 5.87 -6.69 40.41
CA LYS A 237 6.74 -6.03 41.36
C LYS A 237 7.99 -5.52 40.64
N LYS A 238 8.66 -4.56 41.28
CA LYS A 238 9.88 -3.96 40.73
C LYS A 238 11.07 -4.66 41.38
N VAL A 239 11.84 -5.39 40.58
CA VAL A 239 12.98 -6.15 41.09
C VAL A 239 14.23 -5.71 40.35
N GLY A 240 15.37 -5.84 41.01
CA GLY A 240 16.66 -5.61 40.38
C GLY A 240 17.22 -6.88 39.77
N THR A 241 18.49 -6.81 39.38
CA THR A 241 19.16 -7.99 38.88
C THR A 241 19.42 -8.98 40.01
N TYR A 242 19.39 -10.27 39.69
CA TYR A 242 19.50 -11.33 40.73
C TYR A 242 20.89 -11.35 41.37
N LYS A 243 20.98 -11.93 42.57
CA LYS A 243 22.27 -12.00 43.28
C LYS A 243 23.25 -12.88 42.48
N ASN A 244 24.46 -12.39 42.26
CA ASN A 244 25.51 -13.17 41.54
C ASN A 244 25.10 -13.42 40.09
N ALA A 245 24.19 -12.60 39.54
CA ALA A 245 23.79 -12.74 38.12
C ALA A 245 23.26 -11.40 37.60
N ALA A 246 24.09 -10.62 36.91
CA ALA A 246 23.67 -9.28 36.43
C ALA A 246 23.00 -9.41 35.07
N TYR A 247 23.03 -10.60 34.48
CA TYR A 247 22.36 -10.84 33.19
C TYR A 247 20.96 -11.37 33.46
N LEU A 248 20.61 -11.53 34.74
CA LEU A 248 19.34 -12.17 35.04
C LEU A 248 18.48 -11.26 35.92
N ILE A 249 17.20 -11.16 35.54
CA ILE A 249 16.19 -10.45 36.30
C ILE A 249 15.18 -11.51 36.71
N LYS A 250 15.04 -11.77 37.99
CA LYS A 250 14.15 -12.85 38.43
C LYS A 250 12.98 -12.26 39.19
N TRP A 251 11.77 -12.44 38.67
CA TRP A 251 10.56 -12.04 39.37
C TRP A 251 9.94 -13.19 40.16
N ASP A 252 9.84 -14.37 39.56
CA ASP A 252 9.15 -15.51 40.14
C ASP A 252 7.84 -15.04 40.79
N GLU A 253 7.00 -14.41 39.98
CA GLU A 253 5.79 -13.77 40.47
C GLU A 253 4.57 -14.32 39.75
N LEU A 254 3.58 -14.75 40.52
CA LEU A 254 2.31 -15.20 39.94
C LEU A 254 1.45 -13.99 39.61
N ILE A 255 0.83 -14.04 38.43
CA ILE A 255 -0.08 -13.02 37.94
C ILE A 255 -1.39 -13.70 37.60
N ILE A 256 -2.49 -13.17 38.13
CA ILE A 256 -3.82 -13.76 37.98
C ILE A 256 -4.73 -12.72 37.34
N PHE A 257 -5.42 -13.11 36.28
CA PHE A 257 -6.37 -12.19 35.68
C PHE A 257 -7.79 -12.54 36.09
N PRO A 258 -8.71 -11.57 36.16
CA PRO A 258 -10.08 -11.86 36.62
C PRO A 258 -10.94 -12.50 35.54
N ILE A 259 -10.44 -13.59 34.97
CA ILE A 259 -11.12 -14.28 33.88
C ILE A 259 -10.80 -15.76 33.96
N GLN A 260 -11.72 -16.59 33.46
CA GLN A 260 -11.53 -18.03 33.39
C GLN A 260 -11.18 -18.45 31.97
N ILE A 261 -10.53 -19.62 31.86
CA ILE A 261 -10.21 -20.19 30.55
C ILE A 261 -11.45 -20.23 29.67
N SER A 262 -12.60 -20.55 30.25
CA SER A 262 -13.82 -20.68 29.45
C SER A 262 -14.37 -19.35 28.95
N GLN A 263 -13.83 -18.22 29.42
CA GLN A 263 -14.24 -16.91 28.93
C GLN A 263 -13.26 -16.30 27.94
N LEU A 264 -12.16 -16.99 27.61
CA LEU A 264 -11.14 -16.42 26.75
C LEU A 264 -11.51 -16.63 25.29
N PRO A 265 -11.62 -15.56 24.49
CA PRO A 265 -11.75 -15.75 23.05
C PRO A 265 -10.57 -16.54 22.50
N LEU A 266 -10.81 -17.23 21.39
CA LEU A 266 -9.78 -18.07 20.80
C LEU A 266 -8.53 -17.26 20.45
N GLU A 267 -8.71 -16.02 20.01
CA GLU A 267 -7.60 -15.19 19.56
C GLU A 267 -7.08 -14.27 20.66
N SER A 268 -7.17 -14.68 21.92
CA SER A 268 -6.69 -13.86 23.02
C SER A 268 -5.17 -13.81 23.03
N VAL A 269 -4.63 -12.62 23.29
CA VAL A 269 -3.19 -12.39 23.29
C VAL A 269 -2.80 -11.76 24.63
N LEU A 270 -1.72 -12.26 25.21
CA LEU A 270 -1.13 -11.67 26.40
C LEU A 270 0.06 -10.81 25.98
N HIS A 271 0.11 -9.58 26.49
CA HIS A 271 1.18 -8.64 26.17
C HIS A 271 2.01 -8.39 27.41
N LEU A 272 3.32 -8.52 27.29
CA LEU A 272 4.26 -8.25 28.36
C LEU A 272 5.20 -7.14 27.89
N THR A 273 5.18 -6.01 28.60
CA THR A 273 6.07 -4.90 28.32
C THR A 273 7.00 -4.72 29.51
N LEU A 274 8.30 -4.66 29.24
CA LEU A 274 9.32 -4.57 30.28
C LEU A 274 9.73 -3.11 30.46
N PHE A 275 9.84 -2.68 31.72
CA PHE A 275 10.15 -1.30 32.03
C PHE A 275 11.39 -1.20 32.90
N GLY A 276 12.14 -0.13 32.70
CA GLY A 276 13.29 0.17 33.53
C GLY A 276 13.16 1.48 34.27
N VAL A 277 13.29 1.42 35.59
CA VAL A 277 13.37 2.61 36.44
C VAL A 277 14.83 3.02 36.61
N LEU A 278 15.14 4.27 36.25
CA LEU A 278 16.51 4.77 36.32
C LEU A 278 16.95 4.98 37.77
N ASN A 279 18.25 4.82 37.99
CA ASN A 279 18.82 4.89 39.32
C ASN A 279 19.21 6.32 39.71
N GLN A 280 19.91 7.02 38.83
CA GLN A 280 20.38 8.36 39.15
C GLN A 280 19.24 9.35 39.36
N GLY A 294 11.11 9.50 34.16
CA GLY A 294 10.07 8.49 34.18
C GLY A 294 10.57 7.13 33.72
N PRO A 295 9.96 6.06 34.22
CA PRO A 295 10.35 4.72 33.77
C PRO A 295 10.13 4.60 32.27
N GLU A 296 11.02 3.86 31.61
CA GLU A 296 11.05 3.87 30.15
C GLU A 296 11.00 2.45 29.59
N ALA A 297 10.33 2.33 28.45
CA ALA A 297 9.91 1.03 27.92
C ALA A 297 11.06 0.37 27.18
N LEU A 298 11.48 -0.79 27.67
CA LEU A 298 12.62 -1.51 27.12
C LEU A 298 12.25 -2.50 26.03
N GLY A 299 11.02 -2.99 26.03
CA GLY A 299 10.64 -3.98 25.04
C GLY A 299 9.29 -4.58 25.31
N LYS A 300 8.87 -5.40 24.35
CA LYS A 300 7.52 -5.95 24.35
C LYS A 300 7.50 -7.33 23.66
N VAL A 301 6.82 -8.27 24.31
CA VAL A 301 6.56 -9.58 23.75
C VAL A 301 5.07 -9.83 23.81
N SER A 302 4.58 -10.61 22.86
CA SER A 302 3.20 -11.08 22.84
C SER A 302 3.19 -12.60 22.81
N LEU A 303 2.15 -13.17 23.43
CA LEU A 303 1.98 -14.60 23.53
C LEU A 303 0.53 -14.94 23.24
N THR A 304 0.29 -15.84 22.30
CA THR A 304 -1.07 -16.30 22.11
C THR A 304 -1.42 -17.34 23.17
N LEU A 305 -2.61 -17.24 23.72
CA LEU A 305 -3.02 -18.15 24.77
C LEU A 305 -3.47 -19.50 24.22
N PHE A 306 -3.87 -19.54 22.96
CA PHE A 306 -4.13 -20.78 22.25
C PHE A 306 -3.18 -20.87 21.07
N ASP A 307 -2.71 -22.08 20.77
CA ASP A 307 -1.81 -22.24 19.64
C ASP A 307 -2.61 -22.54 18.38
N PHE A 308 -1.91 -22.69 17.25
CA PHE A 308 -2.56 -22.85 15.96
C PHE A 308 -3.40 -24.11 15.86
N LYS A 309 -3.36 -24.99 16.86
CA LYS A 309 -4.18 -26.19 16.88
C LYS A 309 -5.26 -26.16 17.96
N ARG A 310 -5.60 -24.97 18.46
CA ARG A 310 -6.63 -24.76 19.47
C ARG A 310 -6.26 -25.21 20.89
N PHE A 311 -5.03 -25.64 21.14
CA PHE A 311 -4.66 -26.11 22.48
C PHE A 311 -4.20 -24.94 23.35
N LEU A 312 -4.69 -24.91 24.59
CA LEU A 312 -4.32 -23.86 25.53
C LEU A 312 -2.83 -23.95 25.86
N THR A 313 -2.19 -22.79 25.97
CA THR A 313 -0.78 -22.75 26.32
C THR A 313 -0.57 -23.28 27.73
N CYS A 314 0.36 -24.21 27.87
CA CYS A 314 0.63 -24.86 29.15
C CYS A 314 2.13 -25.03 29.32
N GLY A 315 2.57 -25.06 30.57
CA GLY A 315 3.97 -25.25 30.87
C GLY A 315 4.78 -24.00 30.66
N THR A 316 6.10 -24.19 30.68
CA THR A 316 7.04 -23.10 30.54
C THR A 316 7.12 -22.65 29.09
N LYS A 317 7.19 -21.34 28.89
CA LYS A 317 7.03 -20.75 27.57
C LYS A 317 8.07 -19.66 27.49
N LEU A 318 8.87 -19.65 26.43
CA LEU A 318 9.97 -18.70 26.28
C LEU A 318 9.61 -17.67 25.22
N ALA A 319 9.79 -16.39 25.55
CA ALA A 319 9.53 -15.28 24.67
C ALA A 319 10.81 -14.49 24.47
N TYR A 320 10.95 -13.86 23.31
CA TYR A 320 12.17 -13.17 22.94
C TYR A 320 11.84 -11.72 22.61
N LEU A 321 12.53 -10.79 23.26
CA LEU A 321 12.42 -9.39 22.89
C LEU A 321 13.79 -8.86 22.47
N TRP A 322 13.79 -8.05 21.43
CA TRP A 322 15.01 -7.45 20.92
C TRP A 322 15.00 -5.96 21.25
N THR A 323 16.21 -5.42 21.47
CA THR A 323 16.36 -4.00 21.75
C THR A 323 17.28 -3.29 20.76
N SER A 324 18.00 -4.03 19.92
CA SER A 324 18.77 -3.46 18.83
C SER A 324 19.22 -4.55 17.86
N GLU A 342 19.36 -7.01 20.15
CA GLU A 342 20.25 -7.91 20.86
C GLU A 342 19.10 -8.84 21.18
N ARG A 343 19.25 -10.04 21.72
CA ARG A 343 18.03 -10.74 22.14
C ARG A 343 18.04 -11.05 23.64
N ILE A 344 16.90 -10.75 24.29
CA ILE A 344 16.60 -11.07 25.68
C ILE A 344 15.54 -12.16 25.67
N VAL A 345 15.62 -13.06 26.66
CA VAL A 345 14.68 -14.16 26.81
C VAL A 345 13.89 -13.98 28.10
N LEU A 346 12.59 -13.70 27.98
CA LEU A 346 11.62 -13.90 29.06
C LEU A 346 11.12 -15.32 29.16
N GLN A 347 10.96 -15.78 30.38
CA GLN A 347 10.35 -17.06 30.68
C GLN A 347 9.08 -16.81 31.48
N VAL A 348 7.95 -17.24 30.95
CA VAL A 348 6.70 -17.24 31.68
C VAL A 348 6.25 -18.69 31.81
N ASP A 349 5.94 -19.09 33.04
CA ASP A 349 5.54 -20.46 33.33
C ASP A 349 4.02 -20.51 33.39
N PHE A 350 3.42 -21.28 32.52
CA PHE A 350 1.98 -21.46 32.58
C PHE A 350 1.65 -22.74 33.33
N PRO A 351 0.45 -22.85 33.91
CA PRO A 351 0.08 -24.09 34.60
C PRO A 351 0.10 -25.27 33.64
N SER A 352 0.36 -26.46 34.17
CA SER A 352 0.55 -27.66 33.37
C SER A 352 -0.26 -28.80 33.96
N PRO A 353 -1.59 -28.75 33.83
CA PRO A 353 -2.43 -29.85 34.34
C PRO A 353 -2.15 -31.18 33.65
N ALA A 354 -2.80 -32.24 34.13
CA ALA A 354 -2.61 -33.57 33.55
C ALA A 354 -3.38 -33.76 32.26
N PHE A 355 -4.12 -32.74 31.81
CA PHE A 355 -4.94 -32.81 30.62
C PHE A 355 -4.65 -31.61 29.74
N ASP A 356 -4.81 -31.79 28.44
CA ASP A 356 -4.75 -30.68 27.51
C ASP A 356 -6.12 -30.04 27.42
N ILE A 357 -6.17 -28.71 27.37
CA ILE A 357 -7.40 -27.96 27.21
C ILE A 357 -7.44 -27.45 25.78
N ILE A 358 -8.53 -27.75 25.06
CA ILE A 358 -8.67 -27.36 23.67
C ILE A 358 -9.87 -26.44 23.52
N TYR A 359 -9.74 -25.44 22.66
CA TYR A 359 -10.85 -24.57 22.33
C TYR A 359 -11.74 -25.25 21.30
N THR A 360 -13.04 -25.25 21.57
CA THR A 360 -14.04 -25.73 20.63
C THR A 360 -15.07 -24.63 20.44
N SER A 361 -15.30 -24.26 19.19
CA SER A 361 -16.28 -23.23 18.88
C SER A 361 -17.69 -23.75 19.14
N PRO A 362 -18.64 -22.87 19.48
CA PRO A 362 -19.99 -23.33 19.85
C PRO A 362 -20.65 -24.00 18.66
N GLN A 363 -21.73 -24.71 18.89
CA GLN A 363 -22.15 -25.44 17.71
C GLN A 363 -23.13 -24.61 16.87
N ILE A 364 -23.09 -24.86 15.55
CA ILE A 364 -23.76 -24.08 14.52
C ILE A 364 -25.23 -23.87 14.85
N ASP A 365 -25.75 -22.70 14.49
CA ASP A 365 -27.19 -22.47 14.36
C ASP A 365 -27.55 -22.49 12.88
N ARG A 366 -28.53 -23.32 12.53
CA ARG A 366 -29.11 -23.34 11.19
C ARG A 366 -30.40 -22.53 11.24
N ASN A 367 -30.42 -21.39 10.56
CA ASN A 367 -31.59 -20.54 10.54
C ASN A 367 -31.77 -19.96 9.15
N ILE A 368 -32.99 -19.50 8.88
CA ILE A 368 -33.34 -18.96 7.55
C ILE A 368 -34.04 -17.63 7.75
N ILE A 369 -33.26 -16.58 8.04
CA ILE A 369 -33.83 -15.26 8.30
C ILE A 369 -32.91 -14.14 7.84
N LYS A 373 -37.49 -12.41 6.17
CA LYS A 373 -38.60 -11.92 5.37
C LYS A 373 -39.84 -11.76 6.24
N LEU A 374 -39.76 -12.31 7.45
CA LEU A 374 -40.91 -12.55 8.32
C LEU A 374 -40.70 -11.76 9.61
N GLU A 375 -41.02 -10.47 9.59
CA GLU A 375 -40.72 -9.64 10.75
C GLU A 375 -41.50 -8.33 10.68
N THR A 376 -41.49 -7.62 11.80
CA THR A 376 -42.19 -6.34 11.92
C THR A 376 -41.56 -5.29 11.03
N LEU A 377 -42.35 -4.25 10.72
CA LEU A 377 -41.87 -3.06 10.04
C LEU A 377 -42.36 -1.84 10.80
N GLU A 378 -41.79 -0.69 10.44
CA GLU A 378 -42.20 0.60 10.98
C GLU A 378 -41.39 1.63 10.18
N SER A 379 -41.69 2.92 10.36
CA SER A 379 -41.02 3.96 9.57
C SER A 379 -40.33 5.05 10.38
N ASP A 380 -40.69 5.29 11.65
CA ASP A 380 -39.78 6.01 12.53
C ASP A 380 -38.47 5.24 12.67
N ILE A 381 -38.57 3.92 12.76
CA ILE A 381 -37.41 3.06 12.98
C ILE A 381 -36.67 2.79 11.68
N LYS A 382 -37.41 2.46 10.61
CA LYS A 382 -36.76 2.12 9.34
C LYS A 382 -36.01 3.31 8.77
N GLY A 383 -36.53 4.52 8.97
CA GLY A 383 -35.80 5.71 8.55
C GLY A 383 -34.49 5.87 9.28
N LYS A 384 -34.51 5.73 10.62
CA LYS A 384 -33.28 5.82 11.41
C LYS A 384 -32.30 4.72 11.00
N LEU A 385 -32.82 3.52 10.73
CA LEU A 385 -31.96 2.41 10.33
C LEU A 385 -31.26 2.68 9.01
N LEU A 386 -32.01 3.04 7.96
CA LEU A 386 -31.34 3.37 6.71
C LEU A 386 -30.49 4.62 6.80
N ASP A 387 -30.76 5.51 7.78
CA ASP A 387 -29.81 6.59 8.04
C ASP A 387 -28.48 6.03 8.53
N ILE A 388 -28.53 5.02 9.40
CA ILE A 388 -27.29 4.38 9.86
C ILE A 388 -26.59 3.65 8.72
N ILE A 389 -27.33 2.89 7.92
CA ILE A 389 -26.71 2.08 6.87
C ILE A 389 -25.94 2.95 5.87
N HIS A 390 -26.50 4.10 5.52
CA HIS A 390 -25.87 4.97 4.54
C HIS A 390 -24.91 5.97 5.18
N ARG A 391 -24.56 5.78 6.45
CA ARG A 391 -23.52 6.59 7.06
C ARG A 391 -22.19 6.35 6.35
N ASP A 392 -21.26 7.29 6.53
CA ASP A 392 -19.97 7.22 5.83
C ASP A 392 -19.22 5.95 6.19
N SER A 393 -19.19 5.62 7.47
CA SER A 393 -18.35 4.55 7.99
C SER A 393 -18.87 4.18 9.38
N SER A 394 -18.26 3.15 9.97
CA SER A 394 -18.50 2.85 11.36
C SER A 394 -17.78 3.82 12.29
N PHE A 395 -16.94 4.69 11.74
CA PHE A 395 -16.14 5.62 12.54
C PHE A 395 -17.03 6.58 13.32
N GLY A 396 -16.79 6.66 14.62
CA GLY A 396 -17.54 7.58 15.46
C GLY A 396 -18.98 7.20 15.69
N LEU A 397 -19.38 5.98 15.36
CA LEU A 397 -20.75 5.53 15.60
C LEU A 397 -21.07 5.59 17.09
N SER A 398 -22.15 6.29 17.43
CA SER A 398 -22.49 6.45 18.83
C SER A 398 -23.03 5.14 19.40
N LYS A 399 -23.01 5.06 20.72
CA LYS A 399 -23.31 3.82 21.44
C LYS A 399 -24.77 3.41 21.24
N GLU A 400 -25.67 4.39 21.32
CA GLU A 400 -27.08 4.16 21.05
C GLU A 400 -27.30 3.66 19.64
N ASP A 401 -26.64 4.29 18.66
CA ASP A 401 -26.72 3.82 17.28
C ASP A 401 -26.25 2.38 17.17
N LYS A 402 -25.21 2.01 17.92
CA LYS A 402 -24.71 0.65 17.89
C LYS A 402 -25.76 -0.34 18.37
N VAL A 403 -26.35 -0.10 19.55
CA VAL A 403 -27.34 -1.06 20.06
C VAL A 403 -28.55 -1.13 19.14
N PHE A 404 -28.98 0.02 18.61
CA PHE A 404 -30.13 0.04 17.71
C PHE A 404 -29.86 -0.79 16.46
N LEU A 405 -28.69 -0.60 15.84
CA LEU A 405 -28.34 -1.37 14.66
C LEU A 405 -28.23 -2.85 14.98
N TRP A 406 -27.64 -3.19 16.12
CA TRP A 406 -27.49 -4.60 16.48
C TRP A 406 -28.84 -5.29 16.60
N GLU A 407 -29.83 -4.63 17.19
CA GLU A 407 -31.13 -5.27 17.32
C GLU A 407 -31.82 -5.42 15.98
N ASN A 408 -31.56 -4.50 15.04
CA ASN A 408 -32.22 -4.48 13.76
C ASN A 408 -31.40 -5.12 12.66
N ARG A 409 -30.40 -5.93 13.03
CA ARG A 409 -29.38 -6.37 12.08
C ARG A 409 -29.93 -7.28 11.00
N TYR A 410 -30.99 -8.04 11.30
CA TYR A 410 -31.50 -8.96 10.29
C TYR A 410 -32.30 -8.25 9.20
N TYR A 411 -32.65 -6.98 9.40
CA TYR A 411 -33.28 -6.17 8.37
C TYR A 411 -32.28 -5.65 7.35
N CYS A 412 -30.99 -5.70 7.66
CA CYS A 412 -29.95 -5.09 6.85
C CYS A 412 -29.43 -6.02 5.76
N LEU A 413 -30.08 -7.16 5.54
CA LEU A 413 -29.48 -8.21 4.70
C LEU A 413 -29.47 -7.89 3.21
N LYS A 414 -30.12 -6.82 2.75
CA LYS A 414 -29.99 -6.45 1.35
C LYS A 414 -29.06 -5.24 1.19
N HIS A 415 -28.18 -5.01 2.17
CA HIS A 415 -27.13 -4.00 2.07
C HIS A 415 -25.85 -4.58 2.65
N PRO A 416 -25.16 -5.43 1.88
CA PRO A 416 -24.06 -6.22 2.47
C PRO A 416 -22.94 -5.37 3.06
N ASN A 417 -22.58 -4.27 2.39
CA ASN A 417 -21.40 -3.50 2.77
C ASN A 417 -21.55 -2.79 4.11
N CYS A 418 -22.65 -2.97 4.83
CA CYS A 418 -22.79 -2.43 6.18
C CYS A 418 -22.45 -3.45 7.26
N LEU A 419 -22.13 -4.68 6.88
CA LEU A 419 -21.71 -5.68 7.86
C LEU A 419 -20.61 -5.21 8.79
N PRO A 420 -19.57 -4.48 8.35
CA PRO A 420 -18.58 -4.00 9.32
C PRO A 420 -19.16 -3.12 10.41
N LYS A 421 -20.14 -2.27 10.07
CA LYS A 421 -20.82 -1.52 11.12
C LYS A 421 -21.49 -2.48 12.11
N ILE A 422 -22.19 -3.48 11.58
CA ILE A 422 -22.93 -4.43 12.41
C ILE A 422 -22.00 -5.16 13.37
N LEU A 423 -20.92 -5.74 12.85
CA LEU A 423 -19.97 -6.41 13.73
C LEU A 423 -19.34 -5.45 14.73
N ALA A 424 -19.22 -4.16 14.38
CA ALA A 424 -18.65 -3.24 15.34
C ALA A 424 -19.65 -2.88 16.42
N SER A 425 -20.93 -3.20 16.19
CA SER A 425 -22.01 -2.95 17.13
C SER A 425 -22.34 -4.19 17.95
N ALA A 426 -21.52 -5.24 17.86
CA ALA A 426 -21.74 -6.40 18.71
C ALA A 426 -21.53 -6.01 20.17
N PRO A 427 -22.37 -6.50 21.09
CA PRO A 427 -22.20 -6.13 22.49
C PRO A 427 -20.94 -6.73 23.10
N ASN A 428 -20.47 -7.86 22.59
CA ASN A 428 -19.25 -8.52 23.06
C ASN A 428 -18.97 -9.68 22.12
N TRP A 429 -17.90 -10.41 22.41
CA TRP A 429 -17.54 -11.62 21.68
C TRP A 429 -17.47 -12.80 22.65
N LYS A 430 -18.40 -12.84 23.60
CA LYS A 430 -18.50 -13.95 24.53
C LYS A 430 -18.84 -15.23 23.78
N TRP A 431 -18.23 -16.33 24.20
CA TRP A 431 -18.39 -17.62 23.51
C TRP A 431 -19.87 -17.92 23.25
N ALA A 432 -20.72 -17.71 24.25
CA ALA A 432 -22.15 -18.02 24.09
C ALA A 432 -22.78 -17.21 22.98
N ASN A 433 -22.39 -15.94 22.83
CA ASN A 433 -22.94 -15.09 21.79
C ASN A 433 -22.30 -15.33 20.42
N LEU A 434 -21.39 -16.28 20.29
CA LEU A 434 -20.75 -16.46 18.99
C LEU A 434 -21.68 -17.16 17.99
N ALA A 435 -22.45 -18.15 18.46
CA ALA A 435 -23.26 -18.95 17.55
C ALA A 435 -24.24 -18.08 16.75
N LYS A 436 -24.82 -17.05 17.39
CA LYS A 436 -25.75 -16.20 16.66
C LYS A 436 -25.03 -15.27 15.69
N THR A 437 -23.80 -14.89 15.98
CA THR A 437 -23.04 -14.09 15.02
C THR A 437 -22.64 -14.94 13.83
N TYR A 438 -22.03 -16.09 14.09
CA TYR A 438 -21.65 -17.02 13.02
C TYR A 438 -22.84 -17.34 12.13
N SER A 439 -24.00 -17.63 12.72
CA SER A 439 -25.19 -17.93 11.93
C SER A 439 -25.52 -16.80 10.98
N LEU A 440 -25.41 -15.55 11.45
CA LEU A 440 -25.63 -14.42 10.56
C LEU A 440 -24.59 -14.43 9.44
N LEU A 441 -23.33 -14.64 9.80
CA LEU A 441 -22.24 -14.41 8.85
C LEU A 441 -22.33 -15.34 7.65
N HIS A 442 -22.78 -16.57 7.85
CA HIS A 442 -22.83 -17.53 6.75
C HIS A 442 -24.11 -17.45 5.95
N GLN A 443 -25.07 -16.62 6.37
CA GLN A 443 -26.24 -16.32 5.54
C GLN A 443 -26.23 -14.88 5.05
N TRP A 444 -25.07 -14.24 5.05
CA TRP A 444 -24.82 -12.86 4.65
C TRP A 444 -24.33 -12.79 3.21
N PRO A 445 -24.78 -11.79 2.45
CA PRO A 445 -24.37 -11.67 1.05
C PRO A 445 -22.91 -11.28 0.92
N PRO A 446 -22.29 -11.53 -0.24
CA PRO A 446 -20.89 -11.15 -0.41
C PRO A 446 -20.71 -9.64 -0.40
N LEU A 447 -19.68 -9.19 0.33
CA LEU A 447 -19.29 -7.79 0.33
C LEU A 447 -18.41 -7.50 -0.87
N CYS A 448 -18.33 -6.21 -1.23
CA CYS A 448 -17.35 -5.89 -2.24
C CYS A 448 -15.96 -5.85 -1.61
N PRO A 449 -14.94 -6.26 -2.35
CA PRO A 449 -13.58 -6.42 -1.75
C PRO A 449 -13.10 -5.22 -0.94
N LEU A 450 -13.25 -4.01 -1.49
CA LEU A 450 -12.83 -2.81 -0.77
C LEU A 450 -13.54 -2.67 0.57
N ALA A 451 -14.82 -3.07 0.63
CA ALA A 451 -15.53 -3.02 1.91
C ALA A 451 -14.99 -4.07 2.87
N ALA A 452 -14.64 -5.25 2.35
CA ALA A 452 -14.11 -6.32 3.20
C ALA A 452 -12.76 -5.96 3.80
N LEU A 453 -12.04 -5.00 3.22
CA LEU A 453 -10.82 -4.51 3.88
C LEU A 453 -11.01 -4.21 5.36
N GLU A 454 -12.13 -3.58 5.74
CA GLU A 454 -12.31 -3.22 7.14
C GLU A 454 -12.27 -4.45 8.05
N LEU A 455 -12.69 -5.60 7.54
CA LEU A 455 -12.76 -6.80 8.36
C LEU A 455 -11.39 -7.41 8.61
N LEU A 456 -10.33 -6.94 7.94
CA LEU A 456 -8.98 -7.41 8.20
C LEU A 456 -8.19 -6.46 9.10
N ASP A 457 -8.80 -5.37 9.55
CA ASP A 457 -8.13 -4.48 10.49
C ASP A 457 -8.07 -5.12 11.88
N ALA A 458 -7.45 -4.40 12.82
CA ALA A 458 -7.15 -4.98 14.12
C ALA A 458 -8.43 -5.31 14.90
N LYS A 459 -9.45 -4.45 14.79
CA LYS A 459 -10.63 -4.58 15.64
C LYS A 459 -11.43 -5.85 15.38
N PHE A 460 -11.08 -6.64 14.38
CA PHE A 460 -11.80 -7.88 14.06
C PHE A 460 -10.79 -9.02 14.02
N ALA A 461 -10.57 -9.65 15.18
CA ALA A 461 -9.61 -10.75 15.27
C ALA A 461 -10.24 -12.11 15.00
N ASP A 462 -11.57 -12.23 15.08
CA ASP A 462 -12.21 -13.54 14.94
C ASP A 462 -11.85 -14.18 13.61
N GLN A 463 -11.43 -15.44 13.65
CA GLN A 463 -10.90 -16.06 12.45
C GLN A 463 -11.99 -16.40 11.45
N GLU A 464 -13.21 -16.67 11.91
CA GLU A 464 -14.32 -16.87 10.97
C GLU A 464 -14.57 -15.59 10.17
N VAL A 465 -14.62 -14.46 10.87
CA VAL A 465 -14.81 -13.16 10.22
C VAL A 465 -13.73 -12.93 9.16
N ARG A 466 -12.46 -13.13 9.55
CA ARG A 466 -11.36 -12.79 8.66
C ARG A 466 -11.27 -13.73 7.47
N SER A 467 -11.45 -15.03 7.69
CA SER A 467 -11.48 -15.96 6.57
C SER A 467 -12.60 -15.61 5.61
N LEU A 468 -13.76 -15.22 6.14
CA LEU A 468 -14.90 -14.90 5.28
C LEU A 468 -14.60 -13.63 4.48
N ALA A 469 -13.94 -12.66 5.12
CA ALA A 469 -13.51 -11.45 4.43
C ALA A 469 -12.54 -11.76 3.30
N VAL A 470 -11.61 -12.70 3.52
CA VAL A 470 -10.67 -13.06 2.47
C VAL A 470 -11.40 -13.73 1.31
N SER A 471 -12.40 -14.55 1.62
CA SER A 471 -13.19 -15.19 0.56
C SER A 471 -13.94 -14.15 -0.27
N TRP A 472 -14.45 -13.09 0.38
CA TRP A 472 -15.04 -12.00 -0.40
C TRP A 472 -13.98 -11.25 -1.20
N MET A 473 -12.77 -11.12 -0.64
CA MET A 473 -11.68 -10.46 -1.32
C MET A 473 -11.27 -11.16 -2.60
N GLU A 474 -11.52 -12.47 -2.70
CA GLU A 474 -11.09 -13.17 -3.92
C GLU A 474 -11.71 -12.61 -5.20
N ALA A 475 -12.77 -11.82 -5.11
CA ALA A 475 -13.35 -11.21 -6.30
C ALA A 475 -12.48 -10.09 -6.87
N ILE A 476 -11.57 -9.53 -6.08
CA ILE A 476 -10.81 -8.38 -6.53
C ILE A 476 -9.87 -8.78 -7.66
N SER A 477 -9.68 -7.86 -8.60
CA SER A 477 -8.75 -8.12 -9.69
C SER A 477 -7.32 -7.92 -9.23
N ASP A 478 -6.39 -8.53 -9.97
CA ASP A 478 -4.99 -8.41 -9.62
C ASP A 478 -4.50 -6.97 -9.80
N ASP A 479 -5.03 -6.25 -10.80
CA ASP A 479 -4.56 -4.88 -11.04
C ASP A 479 -4.95 -3.96 -9.90
N GLU A 480 -6.18 -4.07 -9.39
CA GLU A 480 -6.57 -3.28 -8.24
C GLU A 480 -5.76 -3.67 -7.01
N LEU A 481 -5.60 -4.97 -6.77
CA LEU A 481 -4.88 -5.45 -5.60
C LEU A 481 -3.43 -5.01 -5.58
N ALA A 482 -2.82 -4.86 -6.76
CA ALA A 482 -1.40 -4.50 -6.82
C ALA A 482 -1.13 -3.19 -6.10
N ASP A 483 -2.01 -2.21 -6.28
CA ASP A 483 -1.80 -0.93 -5.61
C ASP A 483 -2.31 -0.90 -4.16
N LEU A 484 -2.92 -1.98 -3.67
CA LEU A 484 -3.36 -2.07 -2.28
C LEU A 484 -2.48 -2.97 -1.42
N LEU A 485 -1.50 -3.65 -2.03
CA LEU A 485 -0.63 -4.55 -1.27
C LEU A 485 -0.02 -4.01 0.04
N PRO A 486 0.42 -2.75 0.15
CA PRO A 486 1.03 -2.33 1.42
C PRO A 486 0.13 -2.56 2.63
N GLN A 487 -1.15 -2.23 2.51
CA GLN A 487 -2.09 -2.44 3.60
C GLN A 487 -2.27 -3.92 3.90
N PHE A 488 -2.19 -4.79 2.89
CA PHE A 488 -2.32 -6.23 3.13
C PHE A 488 -1.13 -6.75 3.92
N VAL A 489 0.08 -6.37 3.51
CA VAL A 489 1.27 -6.73 4.27
C VAL A 489 1.13 -6.26 5.71
N GLN A 490 0.57 -5.07 5.93
CA GLN A 490 0.39 -4.61 7.30
C GLN A 490 -0.64 -5.43 8.05
N ALA A 491 -1.75 -5.79 7.39
CA ALA A 491 -2.79 -6.57 8.05
C ALA A 491 -2.29 -7.93 8.48
N LEU A 492 -1.20 -8.41 7.89
CA LEU A 492 -0.58 -9.63 8.41
C LEU A 492 -0.29 -9.57 9.91
N LYS A 493 -0.07 -8.38 10.47
CA LYS A 493 0.21 -8.27 11.90
C LYS A 493 -0.99 -8.63 12.77
N TYR A 494 -2.20 -8.60 12.24
CA TYR A 494 -3.39 -8.96 13.00
C TYR A 494 -3.82 -10.40 12.77
N GLU A 495 -3.01 -11.18 12.06
CA GLU A 495 -3.15 -12.63 12.07
C GLU A 495 -2.22 -13.16 13.16
N ILE A 496 -2.79 -13.81 14.18
CA ILE A 496 -1.94 -14.28 15.26
C ILE A 496 -1.18 -15.53 14.86
N TYR A 497 -1.75 -16.35 13.99
CA TYR A 497 -1.12 -17.59 13.54
C TYR A 497 -0.40 -17.38 12.21
N LEU A 498 0.61 -18.22 11.98
CA LEU A 498 1.43 -18.09 10.77
C LEU A 498 0.63 -18.45 9.52
N ASN A 499 0.04 -19.65 9.50
CA ASN A 499 -0.81 -20.07 8.40
C ASN A 499 -2.18 -19.43 8.57
N SER A 500 -2.60 -18.65 7.57
CA SER A 500 -3.92 -18.03 7.64
C SER A 500 -4.49 -17.90 6.23
N SER A 501 -5.82 -17.77 6.18
CA SER A 501 -6.49 -17.46 4.93
C SER A 501 -5.82 -16.29 4.21
N LEU A 502 -5.42 -15.26 4.96
CA LEU A 502 -4.91 -14.04 4.33
C LEU A 502 -3.55 -14.27 3.69
N VAL A 503 -2.62 -14.91 4.41
CA VAL A 503 -1.29 -15.11 3.86
C VAL A 503 -1.35 -16.06 2.67
N ARG A 504 -2.26 -17.06 2.71
CA ARG A 504 -2.40 -17.96 1.58
C ARG A 504 -3.02 -17.25 0.39
N PHE A 505 -3.97 -16.33 0.65
CA PHE A 505 -4.51 -15.49 -0.41
C PHE A 505 -3.40 -14.68 -1.09
N LEU A 506 -2.56 -14.02 -0.29
CA LEU A 506 -1.49 -13.21 -0.87
C LEU A 506 -0.49 -14.06 -1.63
N LEU A 507 -0.11 -15.21 -1.08
CA LEU A 507 0.82 -16.09 -1.79
C LEU A 507 0.21 -16.63 -3.07
N SER A 508 -1.08 -16.95 -3.04
CA SER A 508 -1.78 -17.42 -4.22
C SER A 508 -1.77 -16.36 -5.32
N ARG A 509 -2.05 -15.11 -4.96
CA ARG A 509 -2.01 -14.04 -5.95
C ARG A 509 -0.61 -13.81 -6.48
N ALA A 510 0.41 -13.91 -5.61
CA ALA A 510 1.78 -13.75 -6.08
C ALA A 510 2.23 -14.89 -6.99
N LEU A 511 1.69 -16.09 -6.83
CA LEU A 511 1.98 -17.17 -7.78
C LEU A 511 1.42 -16.90 -9.18
N GLY A 512 0.22 -16.34 -9.28
CA GLY A 512 -0.39 -16.14 -10.57
C GLY A 512 -0.12 -14.81 -11.24
N ASN A 513 0.79 -13.99 -10.70
CA ASN A 513 1.01 -12.64 -11.23
C ASN A 513 2.37 -12.14 -10.76
N ILE A 514 3.27 -11.90 -11.71
CA ILE A 514 4.65 -11.56 -11.36
C ILE A 514 4.74 -10.18 -10.73
N GLN A 515 3.89 -9.23 -11.12
CA GLN A 515 3.95 -7.90 -10.53
C GLN A 515 3.64 -7.95 -9.04
N ILE A 516 2.60 -8.70 -8.67
CA ILE A 516 2.23 -8.87 -7.28
C ILE A 516 3.36 -9.51 -6.49
N ALA A 517 4.00 -10.53 -7.07
CA ALA A 517 5.11 -11.20 -6.39
C ALA A 517 6.27 -10.23 -6.16
N HIS A 518 6.60 -9.43 -7.17
CA HIS A 518 7.71 -8.48 -7.06
C HIS A 518 7.44 -7.44 -5.96
N SER A 519 6.25 -6.86 -5.97
CA SER A 519 5.92 -5.84 -4.99
C SER A 519 5.83 -6.43 -3.58
N LEU A 520 5.24 -7.62 -3.46
CA LEU A 520 5.21 -8.33 -2.18
C LEU A 520 6.63 -8.53 -1.66
N TYR A 521 7.55 -8.92 -2.54
CA TYR A 521 8.94 -9.08 -2.13
C TYR A 521 9.45 -7.82 -1.45
N TRP A 522 9.37 -6.69 -2.16
CA TRP A 522 9.95 -5.47 -1.58
C TRP A 522 9.21 -5.03 -0.31
N LEU A 523 7.90 -5.26 -0.23
CA LEU A 523 7.13 -4.81 0.92
C LEU A 523 7.47 -5.64 2.16
N LEU A 524 7.51 -6.96 2.02
CA LEU A 524 7.91 -7.82 3.14
C LEU A 524 9.33 -7.48 3.58
N LYS A 525 10.18 -7.11 2.63
CA LYS A 525 11.56 -6.78 2.96
C LYS A 525 11.65 -5.53 3.84
N ASP A 526 10.91 -4.46 3.52
CA ASP A 526 10.70 -3.44 4.56
C ASP A 526 10.12 -4.00 5.86
N ALA A 527 9.10 -4.85 5.78
CA ALA A 527 8.44 -5.20 7.01
C ALA A 527 9.37 -5.91 7.99
N LEU A 528 10.46 -6.51 7.49
CA LEU A 528 11.39 -7.24 8.35
C LEU A 528 12.00 -6.35 9.44
N HIS A 529 12.11 -5.05 9.21
CA HIS A 529 12.75 -4.22 10.22
C HIS A 529 11.89 -3.99 11.43
N ASP A 530 10.74 -4.66 11.53
CA ASP A 530 9.86 -4.49 12.68
C ASP A 530 10.44 -5.22 13.88
N THR A 531 10.67 -4.46 14.94
CA THR A 531 11.13 -4.98 16.23
C THR A 531 10.20 -6.07 16.79
N HIS A 532 8.90 -5.99 16.55
CA HIS A 532 8.01 -6.98 17.14
C HIS A 532 7.60 -8.10 16.18
N PHE A 533 7.41 -7.79 14.90
CA PHE A 533 6.86 -8.75 13.95
C PHE A 533 7.86 -9.24 12.91
N GLY A 534 9.15 -8.95 13.08
CA GLY A 534 10.13 -9.28 12.04
C GLY A 534 10.22 -10.76 11.75
N SER A 535 10.15 -11.60 12.79
CA SER A 535 10.26 -13.05 12.61
C SER A 535 9.14 -13.60 11.74
N ARG A 536 7.90 -13.19 12.02
CA ARG A 536 6.76 -13.62 11.21
C ARG A 536 6.95 -13.23 9.74
N TYR A 537 7.40 -12.00 9.50
CA TYR A 537 7.62 -11.57 8.14
C TYR A 537 8.76 -12.32 7.48
N GLU A 538 9.77 -12.75 8.26
CA GLU A 538 10.81 -13.58 7.67
C GLU A 538 10.25 -14.91 7.18
N HIS A 539 9.38 -15.53 7.98
CA HIS A 539 8.75 -16.76 7.50
C HIS A 539 7.92 -16.51 6.24
N VAL A 540 7.16 -15.41 6.21
CA VAL A 540 6.32 -15.14 5.04
C VAL A 540 7.17 -14.86 3.82
N LEU A 541 8.23 -14.05 3.97
CA LEU A 541 9.12 -13.75 2.85
C LEU A 541 9.82 -14.99 2.34
N GLY A 542 10.26 -15.86 3.26
CA GLY A 542 10.86 -17.12 2.85
C GLY A 542 9.89 -18.00 2.08
N ALA A 543 8.61 -17.99 2.47
CA ALA A 543 7.61 -18.72 1.69
C ALA A 543 7.43 -18.12 0.30
N LEU A 544 7.38 -16.79 0.21
CA LEU A 544 7.25 -16.13 -1.10
C LEU A 544 8.42 -16.48 -2.00
N LEU A 545 9.64 -16.33 -1.48
CA LEU A 545 10.84 -16.65 -2.25
C LEU A 545 10.87 -18.12 -2.64
N SER A 546 10.53 -19.02 -1.72
CA SER A 546 10.51 -20.43 -2.05
C SER A 546 9.55 -20.72 -3.20
N VAL A 547 8.32 -20.21 -3.09
CA VAL A 547 7.29 -20.61 -4.05
C VAL A 547 7.45 -19.86 -5.36
N GLY A 548 8.28 -18.81 -5.39
CA GLY A 548 8.42 -18.00 -6.58
C GLY A 548 9.21 -18.63 -7.71
N GLY A 549 10.06 -19.61 -7.41
CA GLY A 549 10.88 -20.24 -8.41
C GLY A 549 12.26 -19.62 -8.53
N LYS A 550 13.18 -20.38 -9.13
CA LYS A 550 14.58 -19.94 -9.17
C LYS A 550 14.80 -18.79 -10.15
N GLY A 551 14.03 -18.71 -11.24
CA GLY A 551 14.19 -17.58 -12.14
C GLY A 551 13.89 -16.26 -11.46
N LEU A 552 12.71 -16.17 -10.85
CA LEU A 552 12.34 -14.98 -10.08
C LEU A 552 13.34 -14.73 -8.97
N ARG A 553 13.82 -15.79 -8.31
CA ARG A 553 14.76 -15.62 -7.20
C ARG A 553 16.06 -14.96 -7.66
N GLU A 554 16.64 -15.47 -8.74
CA GLU A 554 17.90 -14.88 -9.20
C GLU A 554 17.69 -13.47 -9.74
N GLU A 555 16.52 -13.18 -10.33
CA GLU A 555 16.23 -11.80 -10.75
C GLU A 555 16.16 -10.86 -9.55
N LEU A 556 15.44 -11.27 -8.50
CA LEU A 556 15.36 -10.45 -7.29
C LEU A 556 16.73 -10.28 -6.65
N SER A 557 17.57 -11.32 -6.72
CA SER A 557 18.91 -11.22 -6.15
C SER A 557 19.73 -10.18 -6.89
N LYS A 558 19.67 -10.17 -8.22
CA LYS A 558 20.36 -9.14 -8.98
C LYS A 558 19.88 -7.75 -8.58
N GLN A 559 18.55 -7.57 -8.47
CA GLN A 559 18.04 -6.26 -8.08
C GLN A 559 18.49 -5.86 -6.67
N MET A 560 18.54 -6.83 -5.74
CA MET A 560 19.02 -6.56 -4.40
C MET A 560 20.48 -6.11 -4.40
N LYS A 561 21.34 -6.84 -5.12
CA LYS A 561 22.73 -6.43 -5.22
C LYS A 561 22.85 -5.03 -5.83
N LEU A 562 21.99 -4.73 -6.82
CA LEU A 562 22.04 -3.42 -7.46
C LEU A 562 21.69 -2.31 -6.48
N VAL A 563 20.65 -2.50 -5.68
CA VAL A 563 20.28 -1.44 -4.72
C VAL A 563 21.39 -1.26 -3.69
N GLN A 564 22.04 -2.36 -3.27
CA GLN A 564 23.12 -2.23 -2.29
C GLN A 564 24.30 -1.45 -2.88
N LEU A 565 24.68 -1.76 -4.12
CA LEU A 565 25.79 -1.06 -4.77
C LEU A 565 25.48 0.43 -4.94
N LEU A 566 24.28 0.73 -5.43
CA LEU A 566 23.88 2.12 -5.62
C LEU A 566 23.86 2.88 -4.29
N GLY A 567 23.37 2.23 -3.23
CA GLY A 567 23.36 2.87 -1.92
C GLY A 567 24.75 3.18 -1.41
N GLY A 568 25.68 2.25 -1.62
CA GLY A 568 27.07 2.53 -1.28
C GLY A 568 27.62 3.74 -2.00
N VAL A 569 27.35 3.84 -3.30
CA VAL A 569 27.79 5.01 -4.04
C VAL A 569 27.24 6.28 -3.40
N ALA A 570 25.94 6.28 -3.07
CA ALA A 570 25.32 7.48 -2.51
C ALA A 570 25.96 7.87 -1.17
N GLU A 571 26.20 6.88 -0.30
CA GLU A 571 26.87 7.17 0.97
C GLU A 571 28.24 7.81 0.74
N LYS A 572 29.03 7.24 -0.18
CA LYS A 572 30.35 7.80 -0.44
C LYS A 572 30.25 9.23 -0.96
N VAL A 573 29.28 9.49 -1.84
CA VAL A 573 29.13 10.82 -2.39
C VAL A 573 28.78 11.84 -1.30
N ARG A 574 27.84 11.50 -0.41
CA ARG A 574 27.52 12.43 0.66
C ARG A 574 28.68 12.64 1.62
N GLN A 575 29.42 11.58 1.95
CA GLN A 575 30.53 11.75 2.88
C GLN A 575 31.62 12.62 2.26
N ALA A 576 31.87 12.43 0.97
CA ALA A 576 32.77 13.30 0.23
C ALA A 576 32.13 14.68 0.08
N SER A 577 32.96 15.70 -0.16
CA SER A 577 32.46 17.06 -0.14
C SER A 577 33.15 17.92 -1.19
N GLY A 578 32.36 18.84 -1.75
CA GLY A 578 32.91 19.88 -2.59
C GLY A 578 33.47 19.34 -3.89
N SER A 579 34.70 19.76 -4.20
CA SER A 579 35.34 19.38 -5.45
C SER A 579 35.53 17.88 -5.53
N THR A 580 35.88 17.24 -4.42
CA THR A 580 35.99 15.78 -4.37
C THR A 580 34.63 15.16 -4.07
N ARG A 581 33.73 15.25 -5.07
CA ARG A 581 32.41 14.60 -5.03
C ARG A 581 31.91 13.96 -6.34
N GLN A 582 31.64 14.72 -7.40
CA GLN A 582 31.58 14.12 -8.74
C GLN A 582 32.77 13.18 -9.13
N VAL A 583 34.01 13.47 -8.70
CA VAL A 583 35.06 12.50 -9.07
C VAL A 583 34.86 11.23 -8.27
N VAL A 584 34.44 11.38 -7.02
CA VAL A 584 34.17 10.25 -6.15
C VAL A 584 33.03 9.42 -6.72
N LEU A 585 31.98 10.09 -7.19
CA LEU A 585 30.90 9.45 -7.95
C LEU A 585 31.44 8.57 -9.06
N GLN A 586 32.21 9.18 -9.97
CA GLN A 586 32.64 8.46 -11.17
C GLN A 586 33.49 7.25 -10.79
N LYS A 587 34.38 7.41 -9.81
CA LYS A 587 35.22 6.29 -9.39
C LYS A 587 34.42 5.23 -8.64
N SER A 588 33.42 5.65 -7.87
CA SER A 588 32.65 4.72 -7.06
C SER A 588 31.66 3.93 -7.92
N MET A 589 31.25 4.49 -9.06
CA MET A 589 30.37 3.79 -9.97
C MET A 589 31.06 2.63 -10.68
N GLU A 590 32.39 2.53 -10.58
CA GLU A 590 33.12 1.43 -11.21
C GLU A 590 32.57 0.07 -10.78
N ARG A 591 32.18 -0.04 -9.52
CA ARG A 591 31.71 -1.33 -9.00
C ARG A 591 30.37 -1.71 -9.61
N VAL A 592 29.48 -0.73 -9.80
CA VAL A 592 28.21 -0.99 -10.47
C VAL A 592 28.44 -1.31 -11.94
N GLN A 593 29.42 -0.66 -12.55
CA GLN A 593 29.77 -0.92 -13.94
C GLN A 593 30.26 -2.36 -14.10
N SER A 594 31.08 -2.82 -13.16
CA SER A 594 31.44 -4.24 -13.07
C SER A 594 30.19 -5.12 -12.95
N PHE A 595 29.28 -4.73 -12.06
CA PHE A 595 28.05 -5.49 -11.85
C PHE A 595 27.30 -5.71 -13.15
N PHE A 596 27.12 -4.63 -13.93
CA PHE A 596 26.44 -4.80 -15.22
C PHE A 596 27.28 -5.60 -16.20
N LEU A 597 28.61 -5.48 -16.10
CA LEU A 597 29.47 -6.27 -16.97
C LEU A 597 29.18 -7.76 -16.85
N ARG A 598 28.85 -8.24 -15.64
CA ARG A 598 28.51 -9.65 -15.53
C ARG A 598 27.00 -9.93 -15.47
N ASN A 599 26.15 -8.90 -15.49
CA ASN A 599 24.73 -9.09 -15.18
C ASN A 599 23.87 -8.09 -15.94
N LYS A 600 22.83 -8.58 -16.61
CA LYS A 600 21.74 -7.74 -17.04
C LYS A 600 20.68 -7.73 -15.94
N CYS A 601 20.21 -6.55 -15.57
CA CYS A 601 19.40 -6.43 -14.37
C CYS A 601 18.13 -5.62 -14.65
N ARG A 602 17.02 -6.10 -14.10
CA ARG A 602 15.76 -5.39 -14.18
C ARG A 602 15.73 -4.25 -13.17
N LEU A 603 15.11 -3.15 -13.56
CA LEU A 603 14.99 -1.98 -12.69
C LEU A 603 13.99 -2.25 -11.58
N PRO A 604 14.38 -2.14 -10.30
CA PRO A 604 13.44 -2.48 -9.22
C PRO A 604 12.19 -1.63 -9.22
N LEU A 605 12.30 -0.35 -9.59
CA LEU A 605 11.15 0.55 -9.65
C LEU A 605 10.13 0.09 -10.67
N LYS A 606 10.59 -0.38 -11.83
CA LYS A 606 9.72 -0.86 -12.89
C LYS A 606 10.40 -2.06 -13.53
N PRO A 607 10.17 -3.26 -12.99
CA PRO A 607 10.96 -4.43 -13.42
C PRO A 607 10.76 -4.86 -14.86
N SER A 608 9.96 -4.14 -15.64
CA SER A 608 9.88 -4.46 -17.06
C SER A 608 11.00 -3.80 -17.87
N LEU A 609 11.73 -2.87 -17.28
CA LEU A 609 12.88 -2.25 -17.91
C LEU A 609 14.14 -3.03 -17.55
N VAL A 610 14.86 -3.50 -18.56
CA VAL A 610 16.09 -4.25 -18.37
C VAL A 610 17.26 -3.33 -18.67
N ALA A 611 18.13 -3.14 -17.68
CA ALA A 611 19.36 -2.38 -17.86
C ALA A 611 20.48 -3.35 -18.18
N LYS A 612 21.27 -3.03 -19.22
CA LYS A 612 22.45 -3.80 -19.55
C LYS A 612 23.75 -3.10 -19.16
N GLU A 613 23.72 -1.79 -19.02
CA GLU A 613 24.94 -1.01 -18.87
C GLU A 613 24.60 0.31 -18.20
N LEU A 614 25.59 0.89 -17.54
CA LEU A 614 25.46 2.20 -16.92
C LEU A 614 25.97 3.25 -17.90
N ASN A 615 25.22 4.34 -18.04
CA ASN A 615 25.71 5.50 -18.77
C ASN A 615 26.47 6.35 -17.77
N ILE A 616 27.78 6.12 -17.69
CA ILE A 616 28.59 6.74 -16.64
C ILE A 616 28.62 8.24 -16.83
N LYS A 617 28.47 8.70 -18.08
CA LYS A 617 28.60 10.12 -18.38
C LYS A 617 27.43 10.91 -17.82
N SER A 618 26.20 10.44 -18.07
CA SER A 618 25.01 11.16 -17.64
C SER A 618 24.72 11.03 -16.15
N CYS A 619 25.44 10.16 -15.44
CA CYS A 619 25.25 10.03 -14.00
C CYS A 619 25.76 11.28 -13.29
N SER A 620 25.05 11.72 -12.27
CA SER A 620 25.42 12.92 -11.51
C SER A 620 24.58 12.94 -10.23
N PHE A 621 24.71 14.02 -9.48
CA PHE A 621 23.95 14.26 -8.26
C PHE A 621 23.21 15.59 -8.37
N PHE A 622 22.22 15.78 -7.51
CA PHE A 622 21.30 16.90 -7.63
C PHE A 622 21.68 18.10 -6.77
N SER A 623 22.76 18.00 -5.99
CA SER A 623 23.25 19.10 -5.14
C SER A 623 22.12 19.65 -4.27
N SER A 624 21.32 18.75 -3.72
CA SER A 624 20.17 19.08 -2.90
C SER A 624 20.37 18.48 -1.51
N ASN A 625 19.39 18.71 -0.64
CA ASN A 625 19.37 18.00 0.63
C ASN A 625 19.28 16.50 0.36
N ALA A 626 20.19 15.76 0.97
CA ALA A 626 20.34 14.31 0.84
C ALA A 626 21.03 13.88 -0.45
N MET A 627 21.67 14.82 -1.17
CA MET A 627 22.47 14.59 -2.38
C MET A 627 21.95 13.40 -3.20
N PRO A 628 20.78 13.51 -3.83
CA PRO A 628 20.26 12.34 -4.57
C PRO A 628 21.09 12.05 -5.81
N LEU A 629 21.20 10.76 -6.13
CA LEU A 629 21.89 10.30 -7.32
C LEU A 629 20.94 10.29 -8.51
N LYS A 630 21.43 10.80 -9.65
CA LYS A 630 20.73 10.65 -10.92
C LYS A 630 21.41 9.51 -11.69
N VAL A 631 20.80 8.33 -11.64
CA VAL A 631 21.36 7.15 -12.27
C VAL A 631 20.75 7.01 -13.66
N THR A 632 21.62 7.01 -14.67
CA THR A 632 21.24 6.83 -16.07
C THR A 632 21.76 5.49 -16.56
N MET A 633 20.88 4.70 -17.17
CA MET A 633 21.21 3.35 -17.60
C MET A 633 20.76 3.13 -19.03
N VAL A 634 21.51 2.28 -19.71
CA VAL A 634 21.25 1.91 -21.10
C VAL A 634 20.24 0.77 -21.12
N ASN A 635 19.19 0.94 -21.92
CA ASN A 635 18.19 -0.11 -22.08
C ASN A 635 18.81 -1.30 -22.79
N ALA A 636 18.47 -2.52 -22.33
CA ALA A 636 18.92 -3.70 -23.05
C ALA A 636 18.14 -3.92 -24.34
N ASP A 637 17.05 -3.19 -24.54
CA ASP A 637 16.24 -3.28 -25.76
C ASP A 637 16.53 -2.07 -26.63
N PRO A 638 16.99 -2.23 -27.86
CA PRO A 638 17.20 -1.06 -28.74
C PRO A 638 15.92 -0.32 -29.06
N LEU A 639 14.76 -1.00 -29.02
CA LEU A 639 13.49 -0.36 -29.29
C LEU A 639 13.03 0.56 -28.17
N GLY A 640 13.69 0.51 -27.01
CA GLY A 640 13.35 1.36 -25.89
C GLY A 640 14.27 2.56 -25.76
N GLU A 641 14.05 3.32 -24.69
CA GLU A 641 14.81 4.53 -24.44
C GLU A 641 15.60 4.38 -23.14
N GLU A 642 16.41 5.40 -22.83
CA GLU A 642 17.21 5.40 -21.63
C GLU A 642 16.38 5.18 -20.38
N ILE A 643 17.01 4.68 -19.33
CA ILE A 643 16.40 4.52 -18.02
C ILE A 643 17.01 5.57 -17.12
N ASN A 644 16.18 6.44 -16.56
CA ASN A 644 16.65 7.47 -15.65
C ASN A 644 15.87 7.34 -14.34
N VAL A 645 16.59 7.08 -13.25
CA VAL A 645 15.97 6.98 -11.94
C VAL A 645 16.80 7.77 -10.95
N MET A 646 16.14 8.33 -9.94
CA MET A 646 16.86 8.92 -8.83
C MET A 646 17.01 7.85 -7.75
N PHE A 647 18.18 7.81 -7.14
CA PHE A 647 18.40 6.98 -5.97
C PHE A 647 18.72 7.85 -4.78
N LYS A 648 18.09 7.58 -3.65
CA LYS A 648 18.17 8.51 -2.54
C LYS A 648 18.42 7.76 -1.24
N VAL A 649 19.32 8.31 -0.44
CA VAL A 649 19.77 7.69 0.80
C VAL A 649 19.63 8.69 1.94
N GLY A 650 19.06 8.23 3.06
CA GLY A 650 19.03 9.02 4.27
C GLY A 650 17.65 9.18 4.86
N GLU A 651 16.68 9.54 4.03
CA GLU A 651 15.37 9.99 4.50
C GLU A 651 14.35 8.90 4.16
N ASP A 652 13.32 8.80 4.99
CA ASP A 652 12.43 7.63 4.97
C ASP A 652 11.36 7.79 3.90
N LEU A 653 11.38 6.90 2.89
CA LEU A 653 10.53 7.04 1.73
C LEU A 653 9.15 6.40 1.89
N ARG A 654 8.88 5.72 3.00
CA ARG A 654 7.60 5.03 3.14
C ARG A 654 6.43 6.01 3.26
N GLN A 655 6.65 7.16 3.87
CA GLN A 655 5.57 8.13 3.98
C GLN A 655 5.30 8.84 2.64
N ASP A 656 6.36 9.12 1.88
CA ASP A 656 6.16 9.58 0.51
C ASP A 656 5.41 8.54 -0.30
N MET A 657 5.72 7.26 -0.09
CA MET A 657 4.99 6.19 -0.78
C MET A 657 3.52 6.18 -0.42
N LEU A 658 3.20 6.39 0.86
CA LEU A 658 1.79 6.40 1.26
C LEU A 658 1.04 7.59 0.66
N ALA A 659 1.67 8.78 0.68
CA ALA A 659 1.05 9.94 0.04
C ALA A 659 0.81 9.67 -1.44
N LEU A 660 1.83 9.16 -2.15
CA LEU A 660 1.69 8.86 -3.56
C LEU A 660 0.59 7.84 -3.81
N GLN A 661 0.48 6.84 -2.93
CA GLN A 661 -0.55 5.82 -3.09
C GLN A 661 -1.94 6.39 -2.90
N MET A 662 -2.10 7.33 -1.96
CA MET A 662 -3.41 7.95 -1.77
C MET A 662 -3.77 8.83 -2.96
N ILE A 663 -2.80 9.55 -3.51
CA ILE A 663 -3.07 10.35 -4.71
C ILE A 663 -3.45 9.43 -5.87
N LYS A 664 -2.77 8.28 -5.98
CA LYS A 664 -3.08 7.33 -7.04
C LYS A 664 -4.48 6.74 -6.90
N ILE A 665 -4.89 6.41 -5.66
CA ILE A 665 -6.24 5.92 -5.44
C ILE A 665 -7.29 6.98 -5.72
N MET A 666 -7.07 8.24 -5.33
CA MET A 666 -8.03 9.27 -5.72
C MET A 666 -8.14 9.35 -7.24
N ASP A 667 -7.00 9.27 -7.93
CA ASP A 667 -7.02 9.31 -9.39
C ASP A 667 -7.83 8.16 -9.96
N LYS A 668 -7.65 6.96 -9.40
CA LYS A 668 -8.43 5.80 -9.85
C LYS A 668 -9.93 6.03 -9.64
N ILE A 669 -10.31 6.59 -8.49
CA ILE A 669 -11.72 6.81 -8.18
C ILE A 669 -12.32 7.78 -9.20
N TRP A 670 -11.62 8.88 -9.46
CA TRP A 670 -12.07 9.85 -10.46
C TRP A 670 -12.23 9.18 -11.82
N LEU A 671 -11.21 8.44 -12.27
CA LEU A 671 -11.29 7.83 -13.59
C LEU A 671 -12.42 6.82 -13.71
N LYS A 672 -12.75 6.12 -12.62
CA LYS A 672 -13.90 5.22 -12.68
C LYS A 672 -15.20 5.99 -12.80
N GLU A 673 -15.25 7.21 -12.28
CA GLU A 673 -16.45 8.02 -12.52
C GLU A 673 -16.37 8.87 -13.79
N GLY A 674 -15.35 8.67 -14.62
CA GLY A 674 -15.27 9.43 -15.86
C GLY A 674 -14.66 10.80 -15.75
N LEU A 675 -14.01 11.10 -14.63
CA LEU A 675 -13.39 12.39 -14.39
C LEU A 675 -11.88 12.22 -14.51
N ASP A 676 -11.29 12.79 -15.55
CA ASP A 676 -9.85 12.71 -15.76
C ASP A 676 -9.24 14.07 -15.44
N LEU A 677 -8.59 14.16 -14.28
CA LEU A 677 -7.91 15.37 -13.85
C LEU A 677 -6.43 15.38 -14.24
N ARG A 678 -6.02 14.53 -15.19
CA ARG A 678 -4.70 14.59 -15.83
C ARG A 678 -3.57 14.65 -14.81
N MET A 679 -3.61 13.69 -13.88
CA MET A 679 -2.71 13.70 -12.73
C MET A 679 -1.39 13.02 -13.07
N VAL A 680 -0.31 13.48 -12.45
CA VAL A 680 1.00 12.90 -12.62
C VAL A 680 1.22 11.86 -11.53
N ILE A 681 1.38 10.60 -11.92
CA ILE A 681 1.38 9.46 -11.00
C ILE A 681 2.74 8.77 -11.10
N PHE A 682 3.73 9.25 -10.34
CA PHE A 682 5.07 8.70 -10.45
C PHE A 682 5.39 7.73 -9.32
N ARG A 683 6.37 6.85 -9.59
CA ARG A 683 6.69 5.70 -8.74
C ARG A 683 7.77 6.05 -7.71
N CYS A 684 7.69 5.38 -6.56
CA CYS A 684 8.68 5.51 -5.50
C CYS A 684 8.76 4.20 -4.74
N LEU A 685 9.98 3.69 -4.53
CA LEU A 685 10.15 2.39 -3.89
C LEU A 685 11.19 2.51 -2.78
N SER A 686 10.75 2.25 -1.56
CA SER A 686 11.65 2.02 -0.44
C SER A 686 12.39 0.71 -0.64
N THR A 687 13.71 0.78 -0.81
CA THR A 687 14.55 -0.41 -0.97
C THR A 687 15.44 -0.61 0.25
N GLY A 688 14.94 -0.28 1.43
CA GLY A 688 15.72 -0.48 2.63
C GLY A 688 15.35 0.52 3.71
N ARG A 689 16.11 0.43 4.79
CA ARG A 689 16.15 1.43 5.85
C ARG A 689 16.59 2.77 5.26
N ASP A 690 15.65 3.70 5.13
CA ASP A 690 15.97 5.10 4.81
C ASP A 690 16.69 5.24 3.46
N ARG A 691 16.30 4.42 2.49
CA ARG A 691 16.87 4.54 1.15
C ARG A 691 15.92 3.89 0.15
N GLY A 692 16.03 4.34 -1.10
CA GLY A 692 15.21 3.77 -2.15
C GLY A 692 15.42 4.50 -3.46
N MET A 693 14.61 4.15 -4.45
CA MET A 693 14.72 4.82 -5.74
C MET A 693 13.36 5.34 -6.19
N VAL A 694 13.42 6.47 -6.89
CA VAL A 694 12.28 7.32 -7.18
C VAL A 694 12.27 7.62 -8.67
N GLU A 695 11.08 7.60 -9.26
CA GLU A 695 10.93 7.96 -10.67
C GLU A 695 11.26 9.44 -10.86
N LEU A 696 11.86 9.76 -12.00
CA LEU A 696 12.20 11.14 -12.35
C LEU A 696 11.25 11.60 -13.44
N VAL A 697 10.42 12.59 -13.12
CA VAL A 697 9.50 13.18 -14.09
C VAL A 697 10.28 14.11 -15.01
N PRO A 698 10.39 13.80 -16.30
CA PRO A 698 11.23 14.60 -17.19
C PRO A 698 10.62 15.97 -17.48
N ALA A 699 11.50 16.90 -17.86
CA ALA A 699 11.11 18.23 -18.33
C ALA A 699 10.11 18.90 -17.39
N SER A 700 10.45 18.91 -16.11
CA SER A 700 9.62 19.58 -15.12
C SER A 700 10.53 20.32 -14.15
N ASP A 701 10.05 21.46 -13.67
CA ASP A 701 10.81 22.30 -12.76
C ASP A 701 9.90 22.76 -11.63
N THR A 702 10.52 23.13 -10.52
CA THR A 702 9.76 23.63 -9.38
C THR A 702 9.27 25.05 -9.69
N LEU A 703 8.14 25.42 -9.06
CA LEU A 703 7.57 26.76 -9.23
C LEU A 703 8.53 27.89 -8.86
N ARG A 704 9.32 27.76 -7.78
CA ARG A 704 10.24 28.87 -7.50
C ARG A 704 11.27 29.03 -8.59
N LYS A 705 11.83 27.91 -9.08
CA LYS A 705 12.80 27.97 -10.16
C LYS A 705 12.24 28.76 -11.33
N ILE A 706 11.01 28.47 -11.71
CA ILE A 706 10.32 29.21 -12.77
C ILE A 706 10.20 30.68 -12.39
N GLN A 707 9.71 30.95 -11.17
CA GLN A 707 9.48 32.32 -10.73
C GLN A 707 10.75 33.15 -10.79
N VAL A 708 11.89 32.57 -10.42
CA VAL A 708 13.11 33.37 -10.31
C VAL A 708 13.80 33.47 -11.67
N GLU A 709 13.85 32.39 -12.46
CA GLU A 709 14.42 32.52 -13.80
C GLU A 709 13.63 33.50 -14.64
N TYR A 710 12.31 33.53 -14.47
CA TYR A 710 11.55 34.59 -15.11
C TYR A 710 11.79 35.94 -14.43
N GLY A 711 12.00 35.94 -13.11
CA GLY A 711 12.13 37.17 -12.36
C GLY A 711 13.32 38.02 -12.72
N VAL A 712 14.28 37.48 -13.47
CA VAL A 712 15.43 38.27 -13.89
C VAL A 712 15.10 39.13 -15.10
N THR A 713 14.07 38.77 -15.87
CA THR A 713 13.69 39.52 -17.06
C THR A 713 12.37 40.28 -16.91
N GLY A 714 11.59 40.01 -15.88
CA GLY A 714 10.27 40.60 -15.77
C GLY A 714 9.97 41.05 -14.36
N SER A 715 8.92 41.88 -14.25
CA SER A 715 8.40 42.37 -12.98
C SER A 715 6.89 42.21 -12.90
N PHE A 716 6.33 41.27 -13.67
CA PHE A 716 4.89 41.24 -13.93
C PHE A 716 4.09 40.71 -12.75
N LYS A 717 4.74 40.03 -11.80
CA LYS A 717 4.11 39.35 -10.67
C LYS A 717 3.40 38.07 -11.08
N ASP A 718 2.56 38.14 -12.11
CA ASP A 718 1.66 37.04 -12.43
C ASP A 718 1.89 36.41 -13.80
N LYS A 719 2.97 36.76 -14.49
CA LYS A 719 3.19 36.06 -15.76
C LYS A 719 4.31 35.02 -15.80
N PRO A 720 4.97 34.63 -14.69
CA PRO A 720 6.09 33.66 -14.85
C PRO A 720 5.67 32.32 -15.41
N LEU A 721 4.65 31.69 -14.82
CA LEU A 721 4.25 30.35 -15.24
C LEU A 721 3.75 30.35 -16.68
N ALA A 722 3.01 31.40 -17.06
CA ALA A 722 2.48 31.48 -18.42
C ALA A 722 3.60 31.60 -19.44
N GLU A 723 4.63 32.40 -19.15
CA GLU A 723 5.73 32.55 -20.09
C GLU A 723 6.58 31.29 -20.15
N TRP A 724 6.79 30.63 -19.00
CA TRP A 724 7.48 29.35 -18.99
C TRP A 724 6.77 28.34 -19.88
N LEU A 725 5.44 28.24 -19.73
CA LEU A 725 4.68 27.31 -20.57
C LEU A 725 4.67 27.72 -22.03
N ARG A 726 4.69 29.04 -22.30
CA ARG A 726 4.69 29.51 -23.68
C ARG A 726 5.98 29.16 -24.39
N LYS A 727 7.12 29.17 -23.69
CA LYS A 727 8.35 28.87 -24.42
C LYS A 727 8.42 27.41 -24.83
N TYR A 728 7.76 26.51 -24.09
CA TYR A 728 7.70 25.11 -24.47
C TYR A 728 6.43 24.76 -25.24
N ASN A 729 5.46 25.68 -25.30
CA ASN A 729 4.23 25.51 -26.07
C ASN A 729 3.99 26.81 -26.81
N PRO A 730 4.67 27.02 -27.94
CA PRO A 730 4.62 28.35 -28.60
C PRO A 730 3.33 28.60 -29.36
N SER A 731 2.91 27.64 -30.19
CA SER A 731 1.68 27.77 -30.95
CA SER A 731 1.70 27.82 -30.96
C SER A 731 0.49 28.00 -30.02
N GLU A 732 -0.56 28.60 -30.57
CA GLU A 732 -1.74 28.88 -29.76
C GLU A 732 -2.44 27.61 -29.33
N GLU A 733 -2.55 26.61 -30.22
CA GLU A 733 -3.16 25.36 -29.84
C GLU A 733 -2.36 24.68 -28.73
N GLU A 734 -1.02 24.72 -28.83
CA GLU A 734 -0.19 24.06 -27.83
C GLU A 734 -0.27 24.77 -26.49
N TYR A 735 -0.30 26.11 -26.50
CA TYR A 735 -0.41 26.83 -25.24
C TYR A 735 -1.76 26.64 -24.59
N GLU A 736 -2.84 26.62 -25.38
CA GLU A 736 -4.15 26.35 -24.79
C GLU A 736 -4.19 24.95 -24.21
N LYS A 737 -3.63 23.96 -24.92
CA LYS A 737 -3.61 22.60 -24.42
C LYS A 737 -2.84 22.52 -23.10
N ALA A 738 -1.70 23.22 -23.01
CA ALA A 738 -0.92 23.21 -21.79
C ALA A 738 -1.68 23.89 -20.65
N SER A 739 -2.35 25.01 -20.94
CA SER A 739 -3.15 25.68 -19.93
C SER A 739 -4.27 24.78 -19.42
N GLU A 740 -4.89 24.02 -20.32
CA GLU A 740 -5.99 23.13 -19.94
C GLU A 740 -5.47 22.01 -19.05
N ASN A 741 -4.36 21.39 -19.45
CA ASN A 741 -3.69 20.41 -18.60
C ASN A 741 -3.43 20.99 -17.21
N PHE A 742 -2.99 22.25 -17.16
CA PHE A 742 -2.76 22.89 -15.88
C PHE A 742 -4.05 23.01 -15.06
N ILE A 743 -5.13 23.46 -15.70
CA ILE A 743 -6.42 23.59 -15.02
C ILE A 743 -6.78 22.27 -14.34
N TYR A 744 -6.78 21.19 -15.13
CA TYR A 744 -7.25 19.90 -14.62
C TYR A 744 -6.33 19.36 -13.52
N SER A 745 -5.01 19.30 -13.79
CA SER A 745 -4.09 18.75 -12.81
C SER A 745 -4.08 19.60 -11.53
N CYS A 746 -4.24 20.91 -11.66
CA CYS A 746 -4.26 21.77 -10.49
C CYS A 746 -5.48 21.51 -9.64
N ALA A 747 -6.64 21.28 -10.27
CA ALA A 747 -7.83 20.90 -9.51
C ALA A 747 -7.58 19.63 -8.70
N GLY A 748 -7.02 18.62 -9.35
CA GLY A 748 -6.71 17.38 -8.64
C GLY A 748 -5.77 17.62 -7.46
N CYS A 749 -4.72 18.41 -7.70
CA CYS A 749 -3.75 18.69 -6.65
C CYS A 749 -4.39 19.43 -5.48
N CYS A 750 -5.31 20.35 -5.74
CA CYS A 750 -5.94 21.10 -4.65
C CYS A 750 -6.80 20.19 -3.79
N VAL A 751 -7.62 19.34 -4.42
CA VAL A 751 -8.45 18.43 -3.65
C VAL A 751 -7.58 17.49 -2.81
N ALA A 752 -6.50 16.96 -3.42
CA ALA A 752 -5.61 16.06 -2.70
C ALA A 752 -4.93 16.78 -1.53
N THR A 753 -4.45 18.00 -1.79
CA THR A 753 -3.84 18.81 -0.73
C THR A 753 -4.77 18.94 0.46
N TYR A 754 -6.05 19.20 0.20
CA TYR A 754 -6.96 19.42 1.31
C TYR A 754 -7.24 18.12 2.07
N VAL A 755 -7.64 17.07 1.35
CA VAL A 755 -8.09 15.86 2.03
C VAL A 755 -6.94 15.18 2.77
N LEU A 756 -5.76 15.14 2.16
CA LEU A 756 -4.62 14.41 2.76
C LEU A 756 -3.85 15.32 3.72
N GLY A 757 -4.29 16.56 3.90
CA GLY A 757 -3.65 17.47 4.86
C GLY A 757 -2.19 17.75 4.56
N ILE A 758 -1.81 17.82 3.30
CA ILE A 758 -0.41 18.22 2.96
C ILE A 758 -0.41 19.74 2.89
N CYS A 759 -0.10 20.41 4.00
CA CYS A 759 -0.20 21.89 4.07
C CYS A 759 1.19 22.53 3.93
N ASP A 760 2.19 21.74 3.56
CA ASP A 760 3.59 22.26 3.48
C ASP A 760 3.81 22.81 2.07
N ARG A 761 2.74 22.94 1.29
CA ARG A 761 2.91 23.37 -0.11
C ARG A 761 3.63 24.71 -0.16
N HIS A 762 4.68 24.79 -0.97
CA HIS A 762 5.40 26.08 -1.16
C HIS A 762 6.15 26.02 -2.50
N ASN A 763 6.64 27.15 -2.97
CA ASN A 763 7.33 27.23 -4.28
C ASN A 763 8.24 26.02 -4.53
N ASP A 764 8.83 25.42 -3.49
CA ASP A 764 9.80 24.33 -3.69
C ASP A 764 9.14 22.92 -3.78
N ASN A 765 7.99 22.75 -3.19
CA ASN A 765 7.18 21.53 -3.13
C ASN A 765 6.32 21.29 -4.37
N ILE A 766 5.80 22.30 -4.93
CA ILE A 766 4.96 22.15 -6.10
C ILE A 766 5.84 22.19 -7.33
N MET A 767 5.63 21.24 -8.24
CA MET A 767 6.38 21.18 -9.48
C MET A 767 5.44 21.23 -10.67
N LEU A 768 5.99 21.62 -11.82
CA LEU A 768 5.23 21.80 -13.03
C LEU A 768 5.99 21.19 -14.20
N ARG A 769 5.31 20.37 -14.97
CA ARG A 769 5.85 19.75 -16.16
C ARG A 769 5.63 20.64 -17.38
N SER A 770 6.53 20.54 -18.36
CA SER A 770 6.48 21.43 -19.51
C SER A 770 5.21 21.22 -20.32
N THR A 771 4.61 20.03 -20.23
CA THR A 771 3.29 19.79 -20.82
C THR A 771 2.18 20.54 -20.10
N GLY A 772 2.48 21.19 -18.97
CA GLY A 772 1.50 21.95 -18.24
C GLY A 772 0.93 21.28 -17.01
N HIS A 773 1.26 20.01 -16.77
CA HIS A 773 0.72 19.29 -15.63
C HIS A 773 1.42 19.71 -14.34
N MET A 774 0.65 19.95 -13.29
CA MET A 774 1.15 20.31 -11.97
C MET A 774 1.09 19.10 -11.03
N PHE A 775 2.14 18.92 -10.22
CA PHE A 775 2.16 17.78 -9.29
C PHE A 775 2.97 18.10 -8.03
N HIS A 776 2.81 17.25 -7.01
CA HIS A 776 3.59 17.32 -5.78
C HIS A 776 4.77 16.37 -5.82
N ILE A 777 5.87 16.77 -5.17
CA ILE A 777 7.05 15.91 -5.09
C ILE A 777 7.49 15.64 -3.66
N ASP A 778 7.16 16.53 -2.73
CA ASP A 778 7.56 16.38 -1.34
C ASP A 778 6.32 16.32 -0.46
N PHE A 779 6.26 15.32 0.42
CA PHE A 779 5.10 15.09 1.28
C PHE A 779 5.51 15.05 2.74
N GLY A 780 6.39 16.00 3.13
CA GLY A 780 6.87 16.06 4.50
C GLY A 780 5.81 16.18 5.55
N LYS A 781 4.91 17.15 5.44
CA LYS A 781 3.80 17.26 6.44
C LYS A 781 2.70 16.54 5.70
N PHE A 782 2.39 15.35 6.12
CA PHE A 782 1.29 14.59 5.55
C PHE A 782 0.31 14.37 6.69
N LEU A 783 -0.99 14.58 6.45
CA LEU A 783 -1.99 14.53 7.51
C LEU A 783 -1.71 15.53 8.62
N GLY A 784 -1.11 16.67 8.25
CA GLY A 784 -0.79 17.71 9.20
C GLY A 784 -1.96 18.63 9.46
N HIS A 785 -3.12 18.07 9.76
CA HIS A 785 -4.36 18.81 9.93
C HIS A 785 -4.37 19.71 11.17
N ALA A 786 -3.26 19.79 11.91
CA ALA A 786 -3.19 20.75 13.01
C ALA A 786 -3.36 22.17 12.49
N GLN A 787 -2.53 22.56 11.52
CA GLN A 787 -2.54 23.86 10.83
C GLN A 787 -3.13 25.02 11.65
N ALA A 797 -6.07 29.17 4.89
CA ALA A 797 -5.68 28.81 3.53
C ALA A 797 -5.09 27.41 3.49
N PRO A 798 -5.94 26.41 3.24
CA PRO A 798 -5.46 25.03 3.14
C PRO A 798 -4.43 24.86 2.03
N PHE A 799 -4.85 25.12 0.79
CA PHE A 799 -3.94 25.29 -0.32
C PHE A 799 -3.87 26.76 -0.69
N VAL A 800 -3.00 27.09 -1.63
CA VAL A 800 -2.81 28.46 -2.08
C VAL A 800 -2.80 28.53 -3.61
N LEU A 801 -3.45 29.57 -4.13
CA LEU A 801 -3.50 29.90 -5.55
C LEU A 801 -2.99 31.33 -5.71
N THR A 802 -1.67 31.47 -5.90
CA THR A 802 -1.11 32.75 -6.27
C THR A 802 -1.59 33.19 -7.65
N SER A 803 -1.24 34.43 -7.99
CA SER A 803 -1.86 35.15 -9.09
C SER A 803 -1.40 34.64 -10.45
N ASP A 804 -0.19 34.09 -10.54
CA ASP A 804 0.28 33.55 -11.81
C ASP A 804 -0.45 32.25 -12.16
N MET A 805 -0.74 31.41 -11.17
CA MET A 805 -1.59 30.25 -11.41
C MET A 805 -2.97 30.67 -11.90
N ALA A 806 -3.54 31.70 -11.27
CA ALA A 806 -4.82 32.23 -11.72
C ALA A 806 -4.73 32.75 -13.15
N TYR A 807 -3.61 33.39 -13.50
CA TYR A 807 -3.44 33.86 -14.87
C TYR A 807 -3.50 32.68 -15.84
N VAL A 808 -2.80 31.60 -15.53
CA VAL A 808 -2.82 30.46 -16.44
C VAL A 808 -4.23 29.88 -16.55
N ILE A 809 -4.94 29.77 -15.43
CA ILE A 809 -6.28 29.19 -15.47
C ILE A 809 -7.23 30.08 -16.28
N ASN A 810 -7.24 31.38 -15.97
CA ASN A 810 -8.10 32.32 -16.68
C ASN A 810 -7.70 32.44 -18.16
N GLY A 811 -6.40 32.43 -18.43
CA GLY A 811 -5.89 32.81 -19.74
C GLY A 811 -5.73 34.30 -19.93
N GLY A 812 -5.92 35.09 -18.88
CA GLY A 812 -5.95 36.53 -18.98
C GLY A 812 -5.91 37.12 -17.59
N GLU A 813 -6.14 38.43 -17.49
CA GLU A 813 -5.78 38.94 -16.19
C GLU A 813 -7.03 39.14 -15.34
N LYS A 814 -8.16 38.80 -15.91
CA LYS A 814 -9.54 38.90 -15.53
C LYS A 814 -10.20 37.53 -15.59
N PRO A 815 -11.17 37.30 -14.72
CA PRO A 815 -11.79 35.96 -14.65
C PRO A 815 -12.54 35.62 -15.93
N THR A 816 -12.40 34.36 -16.34
CA THR A 816 -13.09 33.80 -17.50
C THR A 816 -13.83 32.54 -17.06
N ILE A 817 -14.52 31.90 -18.01
CA ILE A 817 -15.32 30.68 -17.71
C ILE A 817 -14.39 29.50 -17.37
N ARG A 818 -13.11 29.64 -17.68
CA ARG A 818 -12.12 28.59 -17.34
C ARG A 818 -12.00 28.46 -15.82
N PHE A 819 -12.04 29.57 -15.10
CA PHE A 819 -12.03 29.49 -13.62
C PHE A 819 -13.28 28.76 -13.13
N GLN A 820 -14.43 29.01 -13.76
CA GLN A 820 -15.65 28.28 -13.37
C GLN A 820 -15.47 26.79 -13.64
N LEU A 821 -14.84 26.42 -14.76
CA LEU A 821 -14.58 24.99 -15.03
C LEU A 821 -13.67 24.44 -13.93
N PHE A 822 -12.66 25.21 -13.51
CA PHE A 822 -11.74 24.76 -12.45
C PHE A 822 -12.51 24.54 -11.14
N VAL A 823 -13.40 25.47 -10.79
CA VAL A 823 -14.18 25.35 -9.53
C VAL A 823 -15.09 24.13 -9.63
N ASP A 824 -15.66 23.89 -10.80
CA ASP A 824 -16.61 22.76 -10.96
C ASP A 824 -15.81 21.46 -10.91
N LEU A 825 -14.61 21.46 -11.50
CA LEU A 825 -13.78 20.25 -11.45
C LEU A 825 -13.37 19.93 -10.01
N CYS A 826 -12.93 20.95 -9.27
CA CYS A 826 -12.57 20.75 -7.87
C CYS A 826 -13.73 20.16 -7.07
N CYS A 827 -14.91 20.78 -7.15
CA CYS A 827 -16.03 20.30 -6.34
C CYS A 827 -16.49 18.90 -6.75
N GLN A 828 -16.50 18.63 -8.06
CA GLN A 828 -16.84 17.30 -8.54
C GLN A 828 -15.90 16.25 -7.94
N ALA A 829 -14.59 16.47 -8.08
CA ALA A 829 -13.62 15.50 -7.57
C ALA A 829 -13.74 15.35 -6.05
N TYR A 830 -13.94 16.47 -5.34
CA TYR A 830 -14.10 16.44 -3.89
C TYR A 830 -15.25 15.53 -3.50
N ASN A 831 -16.41 15.67 -4.17
CA ASN A 831 -17.54 14.82 -3.81
C ASN A 831 -17.31 13.36 -4.18
N LEU A 832 -16.60 13.11 -5.28
CA LEU A 832 -16.30 11.73 -5.62
C LEU A 832 -15.42 11.06 -4.56
N ILE A 833 -14.54 11.84 -3.92
CA ILE A 833 -13.73 11.27 -2.83
C ILE A 833 -14.54 11.16 -1.54
N ARG A 834 -15.44 12.11 -1.28
CA ARG A 834 -16.31 12.03 -0.08
C ARG A 834 -17.14 10.74 -0.12
N LYS A 835 -17.54 10.30 -1.31
CA LYS A 835 -18.34 9.07 -1.46
C LYS A 835 -17.52 7.85 -1.06
N GLN A 836 -16.19 7.95 -1.13
CA GLN A 836 -15.29 6.82 -0.81
C GLN A 836 -14.58 7.06 0.52
N THR A 837 -15.23 7.77 1.45
CA THR A 837 -14.59 8.12 2.75
C THR A 837 -14.17 6.84 3.47
N ASN A 838 -15.00 5.79 3.43
CA ASN A 838 -14.69 4.54 4.17
C ASN A 838 -13.39 3.92 3.64
N LEU A 839 -13.19 3.90 2.32
CA LEU A 839 -11.98 3.28 1.75
C LEU A 839 -10.75 4.03 2.24
N PHE A 840 -10.82 5.36 2.25
CA PHE A 840 -9.64 6.16 2.65
C PHE A 840 -9.39 5.98 4.14
N LEU A 841 -10.45 5.96 4.96
CA LEU A 841 -10.24 5.72 6.38
C LEU A 841 -9.65 4.32 6.62
N ASN A 842 -10.14 3.31 5.90
CA ASN A 842 -9.60 1.97 6.09
C ASN A 842 -8.17 1.85 5.57
N LEU A 843 -7.89 2.46 4.40
CA LEU A 843 -6.54 2.41 3.85
C LEU A 843 -5.53 3.09 4.77
N LEU A 844 -5.95 4.12 5.52
CA LEU A 844 -4.98 4.78 6.40
C LEU A 844 -4.84 4.08 7.75
N SER A 845 -5.95 3.58 8.33
CA SER A 845 -5.80 2.88 9.59
C SER A 845 -4.98 1.61 9.41
N LEU A 846 -5.13 0.92 8.27
CA LEU A 846 -4.29 -0.25 8.04
C LEU A 846 -2.82 0.10 7.97
N MET A 847 -2.47 1.35 7.67
CA MET A 847 -1.07 1.78 7.69
C MET A 847 -0.61 2.31 9.04
N ILE A 848 -1.54 2.52 9.98
CA ILE A 848 -1.14 2.91 11.33
C ILE A 848 0.06 2.04 11.91
N PRO A 849 -0.08 0.72 11.91
CA PRO A 849 1.04 -0.06 12.55
C PRO A 849 2.35 -0.07 11.77
N SER A 850 2.42 0.59 10.61
CA SER A 850 3.68 0.62 9.88
C SER A 850 4.70 1.54 10.54
N GLY A 851 4.26 2.49 11.37
CA GLY A 851 5.19 3.30 12.12
C GLY A 851 5.58 4.62 11.48
N LEU A 852 4.68 5.26 10.75
CA LEU A 852 4.95 6.57 10.20
C LEU A 852 4.71 7.65 11.27
N PRO A 853 5.62 8.63 11.40
CA PRO A 853 5.63 9.53 12.57
C PRO A 853 4.32 10.23 12.93
N GLU A 854 3.38 10.33 11.99
CA GLU A 854 2.28 11.28 12.13
C GLU A 854 0.98 10.69 11.61
N LEU A 855 0.96 9.36 11.45
CA LEU A 855 -0.20 8.50 11.37
C LEU A 855 -0.01 7.47 12.48
N THR A 856 -0.34 7.84 13.71
CA THR A 856 -0.06 6.94 14.86
C THR A 856 -1.34 6.57 15.61
N SER A 857 -2.46 7.22 15.31
CA SER A 857 -3.69 6.99 16.09
C SER A 857 -4.94 7.12 15.23
N ILE A 858 -6.08 6.67 15.74
CA ILE A 858 -7.37 6.83 15.02
C ILE A 858 -7.71 8.32 14.94
N GLN A 859 -7.12 9.14 15.82
CA GLN A 859 -7.37 10.61 15.80
C GLN A 859 -6.92 11.18 14.45
N ASP A 860 -5.81 10.69 13.91
CA ASP A 860 -5.30 11.19 12.61
C ASP A 860 -6.36 10.90 11.54
N LEU A 861 -7.00 9.74 11.63
CA LEU A 861 -8.08 9.37 10.68
C LEU A 861 -9.23 10.36 10.84
N LYS A 862 -9.52 10.78 12.06
CA LYS A 862 -10.67 11.68 12.34
C LYS A 862 -10.48 12.99 11.56
N TYR A 863 -9.24 13.50 11.52
CA TYR A 863 -8.99 14.78 10.82
C TYR A 863 -9.31 14.64 9.32
N VAL A 864 -8.93 13.52 8.71
CA VAL A 864 -9.26 13.29 7.27
C VAL A 864 -10.78 13.21 7.11
N ARG A 865 -11.46 12.52 8.02
CA ARG A 865 -12.93 12.36 7.93
C ARG A 865 -13.60 13.73 8.07
N ASP A 866 -13.11 14.56 8.98
CA ASP A 866 -13.66 15.93 9.17
C ASP A 866 -13.43 16.72 7.88
N ALA A 867 -12.26 16.53 7.26
CA ALA A 867 -11.97 17.22 5.98
C ALA A 867 -12.97 16.77 4.92
N LEU A 868 -13.34 15.49 4.94
CA LEU A 868 -14.29 14.94 3.93
C LEU A 868 -15.74 15.32 4.24
N GLN A 869 -16.03 15.87 5.42
CA GLN A 869 -17.41 16.36 5.72
C GLN A 869 -18.47 15.31 5.39
N PRO A 870 -18.45 14.12 6.02
CA PRO A 870 -19.35 13.02 5.63
C PRO A 870 -20.86 13.31 5.76
N GLN A 871 -21.27 13.98 6.82
CA GLN A 871 -22.71 14.25 7.07
C GLN A 871 -23.30 15.15 5.97
N THR A 872 -22.54 16.14 5.50
CA THR A 872 -23.08 17.13 4.54
C THR A 872 -23.54 16.51 3.22
N THR A 873 -24.41 17.22 2.49
CA THR A 873 -24.81 16.77 1.17
C THR A 873 -23.78 17.23 0.15
N ASP A 874 -23.90 16.68 -1.06
CA ASP A 874 -22.97 17.06 -2.13
C ASP A 874 -23.04 18.56 -2.41
N ALA A 875 -24.22 19.20 -2.22
CA ALA A 875 -24.41 20.59 -2.64
C ALA A 875 -23.78 21.58 -1.66
N GLU A 876 -24.24 21.63 -0.42
CA GLU A 876 -23.37 22.07 0.68
C GLU A 876 -21.89 21.63 0.68
N ALA A 877 -21.48 20.41 0.27
CA ALA A 877 -20.01 20.22 0.19
C ALA A 877 -19.39 21.07 -0.92
N THR A 878 -20.08 21.20 -2.05
CA THR A 878 -19.63 22.08 -3.14
C THR A 878 -19.47 23.52 -2.64
N ILE A 879 -20.46 24.01 -1.89
CA ILE A 879 -20.37 25.35 -1.33
C ILE A 879 -19.13 25.49 -0.45
N PHE A 880 -18.92 24.50 0.43
CA PHE A 880 -17.77 24.53 1.32
C PHE A 880 -16.45 24.61 0.54
N PHE A 881 -16.27 23.74 -0.45
CA PHE A 881 -15.00 23.73 -1.16
C PHE A 881 -14.82 24.98 -2.03
N THR A 882 -15.91 25.52 -2.58
CA THR A 882 -15.82 26.79 -3.31
C THR A 882 -15.31 27.90 -2.40
N ARG A 883 -15.78 27.94 -1.16
CA ARG A 883 -15.23 29.02 -0.33
C ARG A 883 -13.80 28.70 0.13
N LEU A 884 -13.43 27.43 0.21
CA LEU A 884 -12.00 27.14 0.41
C LEU A 884 -11.16 27.70 -0.74
N ILE A 885 -11.65 27.57 -1.97
CA ILE A 885 -10.90 28.10 -3.13
C ILE A 885 -10.73 29.61 -3.00
N GLU A 886 -11.83 30.31 -2.72
CA GLU A 886 -11.68 31.76 -2.67
C GLU A 886 -10.90 32.22 -1.44
N SER A 887 -10.87 31.43 -0.37
CA SER A 887 -9.93 31.71 0.72
C SER A 887 -8.49 31.56 0.26
N SER A 888 -8.22 30.53 -0.55
CA SER A 888 -6.86 30.33 -1.04
C SER A 888 -6.42 31.47 -1.95
N LEU A 889 -7.37 32.12 -2.63
CA LEU A 889 -6.98 33.21 -3.52
C LEU A 889 -6.45 34.44 -2.79
N GLY A 890 -6.79 34.63 -1.51
CA GLY A 890 -6.20 35.71 -0.74
C GLY A 890 -6.62 37.09 -1.25
N SER A 891 -5.64 38.00 -1.33
CA SER A 891 -5.93 39.38 -1.70
C SER A 891 -6.60 39.47 -3.05
N ILE A 892 -6.26 38.58 -3.98
CA ILE A 892 -6.70 38.81 -5.35
C ILE A 892 -8.07 38.21 -5.55
N ALA A 893 -8.67 37.63 -4.49
CA ALA A 893 -10.01 37.07 -4.54
C ALA A 893 -11.09 38.13 -4.69
N THR A 894 -10.76 39.40 -4.44
CA THR A 894 -11.73 40.46 -4.71
C THR A 894 -12.18 40.45 -6.16
N LYS A 895 -11.25 40.15 -7.07
CA LYS A 895 -11.49 40.27 -8.50
C LYS A 895 -12.45 39.20 -9.03
N PHE A 896 -12.58 38.08 -8.33
CA PHE A 896 -13.51 37.03 -8.71
C PHE A 896 -14.86 37.20 -8.00
N ASN A 897 -15.93 36.82 -8.70
CA ASN A 897 -17.15 36.33 -8.00
C ASN A 897 -17.00 35.09 -7.06
C1 EDO B . -8.90 1.17 -6.62
O1 EDO B . -7.85 0.38 -6.03
C2 EDO B . -9.78 1.73 -5.52
O2 EDO B . -10.89 2.42 -6.12
C1 EDO C . 10.09 14.49 -10.24
O1 EDO C . 11.42 14.61 -10.76
C2 EDO C . 9.97 13.20 -9.43
O2 EDO C . 10.78 13.30 -8.25
S SO4 D . -30.01 -10.78 20.44
O1 SO4 D . -31.04 -9.80 20.78
O2 SO4 D . -28.69 -10.16 20.55
O3 SO4 D . -30.10 -11.91 21.36
O4 SO4 D . -30.21 -11.25 19.07
#